data_3FOF
#
_entry.id   3FOF
#
_cell.length_a   121.601
_cell.length_b   121.601
_cell.length_c   178.699
_cell.angle_alpha   90.00
_cell.angle_beta   90.00
_cell.angle_gamma   120.00
#
_symmetry.space_group_name_H-M   'P 32'
#
loop_
_entity.id
_entity.type
_entity.pdbx_description
1 polymer 'DNA topoisomerase 4 subunit A'
2 polymer 'DNA topoisomerase 4 subunit B'
3 polymer "DNA (5'-D(P*AP*CP*CP*AP*AP*GP*GP*TP*CP*AP*TP*GP*AP*AP*T)-3')"
4 polymer "DNA (5'-D(P*AP*GP*TP*CP*AP*TP*TP*CP*AP*TP*GP*AP*CP*CP*TP*TP*GP*GP*T)-3')"
5 polymer "DNA (5'-D(P*CP*TP*GP*TP*TP*TP*TP*AP*CP*GP*TP*GP*CP*AP*T)-3')"
6 polymer "DNA (5'-D(P*GP*AP*CP*TP*AP*TP*GP*CP*AP*CP*GP*TP*AP*AP*AP*AP*CP*AP*G)-3')"
7 non-polymer '1-cyclopropyl-6-fluoro-8-methoxy-7-[(4aS,7aS)-octahydro-6H-pyrrolo[3,4-b]pyridin-6-yl]-4-oxo-1,4-dihydroquinoline-3-carboxylic acid'
#
loop_
_entity_poly.entity_id
_entity_poly.type
_entity_poly.pdbx_seq_one_letter_code
_entity_poly.pdbx_strand_id
1 'polypeptide(L)'
;MSNIQNMSLEDIMGERFGRYSKYIIQDRALPDIRDGLKPVQRRILYSMNKDSNTFDKSYRKSAKSVGNIMGNFHPHGDSS
IYDAMVRMSQNWKNREILVEMHGNNGSMDGDPPAAMRYTEARLSEIAGYLLQDIEKKTVPFAWNFDDTEKEPTVLPAAFP
NLLVNGSTGISAGYATDIPPHNLAEVIDAAVYMIDHPTAKIDKLMEFLPGPDFPTGAIIQGRDEIKKAYETGKGRVVVRS
KTEIEKLKGGKEQIVITEIPYEINKANLVKKIDDVRVNNKVAGIAEVRDESDRDGLRIAIELKKDANTELVLNYLFKYTD
LQINYNFNMVAIDNFTPRQVGIVPILSSYIAHRREVILARSRFDKEKAEKRLHIVEGLIRVISILDEVIALIRASENKAD
AKENLKVSYDFTEEQAEAIVTLQLYRLTNTDVVVLQEEEAELREKIAMLAAIIGDERTMYNLMKKELREVKKKFATPRLS
SLEDTAKALEHHHHHH
;
A,B
2 'polypeptide(L)'
;MGHHHHHHHHHHSSGHIDDDDKHMKNKKDKGLLSGKLTPAQSKNPAKNELYLVEGDSAGGSAKQGRDRKFQAILPLRGKV
INTAKAKMADILKNEEINTMIYTIGAGVGADFSIEDANYDKIIIMTDADTDGAHIQTLLLTFFYRYMRPLVEAGHVYIAL
PPLYKMSKGKGKKEEVAYAWTDGELEELRKQFGKGATLQRYKGLGEMNADQLWETTMNPETRTLIRVTIEDLARAERRVN
VLMGDKVEPRRKWIEDNVKFTLEEATVF
;
C,D
3 'polydeoxyribonucleotide' (DA)(DC)(DC)(DA)(DA)(DG)(DG)(DT)(DC)(DA)(DT)(DG)(DA)(DA)(DT) E
4 'polydeoxyribonucleotide' (DA)(DG)(DT)(DC)(DA)(DT)(DT)(DC)(DA)(DT)(DG)(DA)(DC)(DC)(DT)(DT)(DG)(DG)(DT) F
5 'polydeoxyribonucleotide' (DC)(DT)(DG)(DT)(DT)(DT)(DT)(DA)(DC)(DG)(DT)(DG)(DC)(DA)(DT) G
6 'polydeoxyribonucleotide' (DG)(DA)(DC)(DT)(DA)(DT)(DG)(DC)(DA)(DC)(DG)(DT)(DA)(DA)(DA)(DA)(DC)(DA)(DG) H
#
# COMPACT_ATOMS: atom_id res chain seq x y z
N GLN A 5 15.91 37.66 -7.90
CA GLN A 5 15.04 38.82 -8.04
C GLN A 5 13.57 38.46 -7.84
N ASN A 6 12.92 39.13 -6.90
CA ASN A 6 11.56 38.80 -6.50
C ASN A 6 10.55 39.07 -7.62
N MET A 7 10.95 38.76 -8.86
CA MET A 7 10.37 39.35 -10.06
C MET A 7 8.90 38.98 -10.26
N SER A 8 8.42 39.27 -11.48
CA SER A 8 7.13 38.77 -11.98
C SER A 8 5.98 39.14 -11.06
N LEU A 9 5.64 40.44 -11.01
CA LEU A 9 4.37 40.86 -10.45
C LEU A 9 3.23 40.61 -11.45
N GLU A 10 2.05 40.29 -10.95
CA GLU A 10 0.98 39.83 -11.84
C GLU A 10 -0.40 40.27 -11.38
N ASP A 11 -1.34 40.33 -12.31
CA ASP A 11 -2.71 40.72 -12.01
C ASP A 11 -3.48 39.60 -11.32
N ILE A 12 -4.12 39.89 -10.19
CA ILE A 12 -5.15 38.99 -9.65
C ILE A 12 -6.31 38.85 -10.64
N MET A 13 -6.44 39.82 -11.56
CA MET A 13 -7.15 39.60 -12.82
C MET A 13 -6.37 38.58 -13.65
N GLY A 14 -5.08 38.48 -13.37
CA GLY A 14 -4.21 37.54 -14.05
C GLY A 14 -4.23 36.17 -13.41
N GLU A 15 -3.73 36.10 -12.16
CA GLU A 15 -3.40 34.84 -11.51
C GLU A 15 -4.64 34.04 -11.14
N ARG A 16 -5.73 34.71 -10.79
CA ARG A 16 -6.97 34.01 -10.49
C ARG A 16 -7.73 33.60 -11.75
N PHE A 17 -7.24 34.02 -12.91
CA PHE A 17 -7.76 33.52 -14.18
C PHE A 17 -7.00 32.26 -14.58
N GLY A 18 -5.72 32.22 -14.27
CA GLY A 18 -4.83 31.18 -14.76
C GLY A 18 -4.82 29.93 -13.88
N ARG A 19 -4.82 30.14 -12.57
CA ARG A 19 -4.93 29.03 -11.62
C ARG A 19 -6.28 28.36 -11.74
N TYR A 20 -7.34 29.14 -11.59
CA TYR A 20 -8.70 28.60 -11.66
C TYR A 20 -8.94 27.86 -12.97
N SER A 21 -8.14 28.16 -13.99
CA SER A 21 -8.24 27.44 -15.25
C SER A 21 -7.74 26.01 -15.10
N LYS A 22 -6.49 25.85 -14.69
CA LYS A 22 -5.97 24.54 -14.34
C LYS A 22 -7.04 23.74 -13.60
N TYR A 23 -7.64 24.32 -12.57
CA TYR A 23 -8.44 23.53 -11.63
C TYR A 23 -9.74 23.08 -12.25
N ILE A 24 -10.18 23.77 -13.30
CA ILE A 24 -11.44 23.45 -13.95
C ILE A 24 -11.31 22.31 -14.97
N ILE A 25 -10.13 22.16 -15.56
CA ILE A 25 -9.91 21.00 -16.41
C ILE A 25 -9.66 19.78 -15.52
N GLN A 26 -9.49 20.01 -14.22
CA GLN A 26 -9.56 18.95 -13.23
C GLN A 26 -11.02 18.70 -12.85
N ASP A 27 -11.93 19.09 -13.72
CA ASP A 27 -13.34 18.68 -13.63
C ASP A 27 -13.72 17.99 -14.95
N ARG A 28 -12.71 17.42 -15.64
CA ARG A 28 -12.88 16.25 -16.53
C ARG A 28 -12.39 14.97 -15.85
N ALA A 29 -12.09 15.00 -14.55
CA ALA A 29 -12.20 13.79 -13.72
C ALA A 29 -13.67 13.51 -13.41
N LEU A 30 -14.45 13.32 -14.48
CA LEU A 30 -15.86 12.95 -14.42
C LEU A 30 -16.20 11.92 -15.49
N PRO A 31 -17.07 10.96 -15.15
CA PRO A 31 -17.41 9.79 -15.97
C PRO A 31 -17.47 10.09 -17.45
N ASP A 32 -16.83 9.24 -18.26
CA ASP A 32 -16.85 9.39 -19.72
C ASP A 32 -18.08 8.72 -20.35
N ILE A 33 -18.50 9.25 -21.50
CA ILE A 33 -19.72 8.78 -22.13
C ILE A 33 -19.58 7.33 -22.59
N ARG A 34 -18.37 6.79 -22.43
CA ARG A 34 -18.06 5.46 -22.97
C ARG A 34 -17.79 4.44 -21.88
N ASP A 35 -16.60 4.53 -21.27
CA ASP A 35 -16.26 3.72 -20.11
C ASP A 35 -17.27 3.94 -18.99
N GLY A 36 -17.63 5.20 -18.77
CA GLY A 36 -18.41 5.56 -17.60
C GLY A 36 -17.62 5.24 -16.35
N LEU A 37 -16.30 5.26 -16.48
CA LEU A 37 -15.41 5.19 -15.33
C LEU A 37 -14.73 6.55 -15.14
N LYS A 38 -14.88 7.12 -13.96
CA LYS A 38 -14.25 8.40 -13.64
C LYS A 38 -12.85 8.15 -13.08
N PRO A 39 -11.82 8.72 -13.73
CA PRO A 39 -10.42 8.23 -13.71
C PRO A 39 -10.00 7.55 -12.41
N VAL A 40 -10.20 8.21 -11.28
CA VAL A 40 -9.89 7.59 -9.99
C VAL A 40 -10.46 6.18 -9.90
N GLN A 41 -11.48 5.92 -10.72
CA GLN A 41 -12.01 4.56 -10.93
C GLN A 41 -11.20 3.84 -11.98
N ARG A 42 -11.31 4.29 -13.24
CA ARG A 42 -10.60 3.63 -14.33
C ARG A 42 -9.29 3.04 -13.81
N ARG A 43 -8.55 3.82 -13.03
CA ARG A 43 -7.18 3.44 -12.69
C ARG A 43 -7.14 2.30 -11.67
N ILE A 44 -8.12 2.24 -10.76
CA ILE A 44 -8.13 1.16 -9.78
C ILE A 44 -8.62 -0.14 -10.43
N LEU A 45 -9.40 -0.04 -11.51
CA LEU A 45 -9.77 -1.26 -12.20
C LEU A 45 -8.62 -1.77 -13.07
N TYR A 46 -7.68 -0.90 -13.43
CA TYR A 46 -6.61 -1.38 -14.28
C TYR A 46 -5.49 -1.94 -13.44
N SER A 47 -5.21 -1.30 -12.32
CA SER A 47 -4.09 -1.73 -11.48
C SER A 47 -4.42 -3.05 -10.80
N MET A 48 -5.70 -3.33 -10.63
CA MET A 48 -6.13 -4.63 -10.10
C MET A 48 -6.03 -5.68 -11.20
N ASN A 49 -6.12 -5.23 -12.45
CA ASN A 49 -5.76 -6.07 -13.59
C ASN A 49 -4.27 -6.34 -13.60
N LYS A 50 -3.55 -5.53 -14.38
CA LYS A 50 -2.09 -5.64 -14.50
C LYS A 50 -1.47 -6.55 -13.44
N ASP A 51 -2.03 -6.56 -12.24
CA ASP A 51 -1.43 -7.32 -11.16
C ASP A 51 -2.04 -8.72 -11.03
N SER A 52 -2.95 -9.05 -11.94
CA SER A 52 -3.58 -10.36 -11.97
C SER A 52 -4.48 -10.60 -10.77
N ASN A 53 -5.67 -10.01 -10.81
CA ASN A 53 -6.77 -10.36 -9.89
C ASN A 53 -8.12 -10.46 -10.61
N ASP A 56 -10.37 -14.05 -10.38
CA ASP A 56 -10.43 -15.51 -10.37
C ASP A 56 -9.44 -16.11 -9.37
N LYS A 57 -8.41 -15.34 -9.03
CA LYS A 57 -7.43 -15.76 -8.06
C LYS A 57 -7.93 -15.53 -6.63
N SER A 58 -7.02 -15.58 -5.67
CA SER A 58 -7.37 -15.44 -4.25
C SER A 58 -7.60 -13.98 -3.90
N TYR A 59 -8.10 -13.72 -2.69
CA TYR A 59 -8.38 -12.36 -2.27
C TYR A 59 -7.09 -11.69 -1.80
N ARG A 60 -6.64 -10.71 -2.58
CA ARG A 60 -5.43 -9.95 -2.25
C ARG A 60 -5.77 -8.85 -1.25
N LYS A 61 -4.93 -8.66 -0.23
CA LYS A 61 -5.28 -7.75 0.85
C LYS A 61 -5.90 -6.48 0.28
N SER A 62 -5.59 -5.33 0.89
CA SER A 62 -5.85 -4.04 0.24
C SER A 62 -4.56 -3.22 0.17
N ALA A 63 -4.07 -2.83 1.34
CA ALA A 63 -2.83 -2.08 1.45
C ALA A 63 -1.97 -2.20 0.19
N LYS A 64 -1.59 -3.43 -0.14
CA LYS A 64 -0.85 -3.69 -1.38
C LYS A 64 -1.64 -3.21 -2.61
N SER A 65 -2.94 -3.50 -2.62
CA SER A 65 -3.77 -3.22 -3.78
C SER A 65 -3.88 -1.70 -3.99
N VAL A 66 -4.17 -0.99 -2.91
CA VAL A 66 -4.36 0.45 -3.01
C VAL A 66 -2.99 1.09 -3.19
N GLY A 67 -2.06 0.73 -2.32
CA GLY A 67 -0.67 1.16 -2.47
C GLY A 67 -0.27 1.14 -3.94
N ASN A 68 -0.47 0.00 -4.58
CA ASN A 68 -0.04 -0.16 -5.96
C ASN A 68 -0.86 0.69 -6.93
N ILE A 69 -2.16 0.81 -6.70
CA ILE A 69 -2.93 1.82 -7.41
C ILE A 69 -2.32 3.21 -7.13
N MET A 70 -1.89 3.43 -5.90
CA MET A 70 -1.70 4.78 -5.36
C MET A 70 -0.31 5.35 -5.67
N GLY A 71 0.54 4.54 -6.28
CA GLY A 71 1.90 4.96 -6.54
C GLY A 71 2.32 4.64 -7.95
N ASN A 72 1.36 4.35 -8.82
CA ASN A 72 1.66 4.11 -10.23
C ASN A 72 0.66 4.79 -11.16
N PHE A 73 -0.49 5.21 -10.66
CA PHE A 73 -1.54 5.69 -11.55
C PHE A 73 -2.36 6.81 -10.92
N HIS A 74 -1.98 7.22 -9.72
CA HIS A 74 -2.77 8.13 -8.92
C HIS A 74 -1.88 8.75 -7.85
N PRO A 75 -1.46 10.01 -8.05
CA PRO A 75 -0.65 10.76 -7.07
C PRO A 75 -1.40 11.02 -5.78
N HIS A 76 -2.72 11.17 -5.86
CA HIS A 76 -3.54 11.65 -4.76
C HIS A 76 -3.59 10.75 -3.52
N GLY A 77 -4.56 10.99 -2.64
CA GLY A 77 -4.51 10.41 -1.31
C GLY A 77 -4.51 8.91 -1.40
N ASP A 78 -4.03 8.23 -0.35
CA ASP A 78 -4.32 6.82 -0.11
C ASP A 78 -5.84 6.58 0.07
N SER A 79 -6.35 7.03 1.21
CA SER A 79 -7.74 6.75 1.58
C SER A 79 -8.72 7.40 0.63
N SER A 80 -8.31 8.49 -0.02
CA SER A 80 -9.01 9.04 -1.18
C SER A 80 -9.14 7.97 -2.28
N ILE A 81 -8.04 7.27 -2.55
CA ILE A 81 -8.05 6.21 -3.54
C ILE A 81 -8.95 5.08 -3.08
N TYR A 82 -8.45 4.33 -2.12
CA TYR A 82 -9.16 3.14 -1.59
C TYR A 82 -10.60 3.44 -1.20
N ASP A 83 -10.81 4.51 -0.44
CA ASP A 83 -12.15 4.91 -0.06
C ASP A 83 -13.07 4.76 -1.27
N ALA A 84 -12.65 5.33 -2.39
CA ALA A 84 -13.44 5.28 -3.62
C ALA A 84 -13.65 3.84 -4.05
N MET A 85 -12.66 3.00 -3.77
CA MET A 85 -12.72 1.58 -4.13
C MET A 85 -13.83 0.87 -3.35
N VAL A 86 -13.74 0.87 -2.02
CA VAL A 86 -14.88 0.46 -1.21
C VAL A 86 -16.18 0.80 -1.93
N ARG A 87 -16.29 2.05 -2.38
CA ARG A 87 -17.49 2.50 -3.07
C ARG A 87 -17.91 1.52 -4.14
N MET A 88 -16.94 1.02 -4.90
CA MET A 88 -17.24 0.10 -5.99
C MET A 88 -17.49 -1.31 -5.45
N SER A 89 -17.39 -1.48 -4.13
CA SER A 89 -17.62 -2.78 -3.54
C SER A 89 -19.09 -2.94 -3.16
N GLN A 90 -19.78 -1.82 -3.03
CA GLN A 90 -21.10 -1.77 -2.40
C GLN A 90 -22.19 -2.18 -3.38
N ASN A 91 -22.63 -3.43 -3.27
CA ASN A 91 -23.65 -3.97 -4.17
C ASN A 91 -24.86 -3.05 -4.24
N TRP A 92 -25.25 -2.53 -3.09
CA TRP A 92 -26.36 -1.58 -3.00
C TRP A 92 -25.89 -0.17 -3.33
N LYS A 93 -24.95 -0.07 -4.26
CA LYS A 93 -24.52 1.21 -4.79
C LYS A 93 -24.49 1.17 -6.32
N ASN A 94 -24.05 0.02 -6.85
CA ASN A 94 -24.09 -0.23 -8.29
C ASN A 94 -25.04 -1.37 -8.64
N ARG A 95 -25.19 -1.66 -9.92
CA ARG A 95 -25.91 -2.86 -10.36
C ARG A 95 -24.94 -4.04 -10.48
N GLU A 96 -24.03 -3.97 -11.44
CA GLU A 96 -22.84 -4.82 -11.43
C GLU A 96 -21.75 -4.19 -10.58
N ILE A 97 -21.46 -4.83 -9.44
CA ILE A 97 -20.39 -4.38 -8.55
C ILE A 97 -19.01 -4.65 -9.16
N LEU A 98 -18.33 -3.61 -9.61
CA LEU A 98 -17.14 -3.78 -10.43
C LEU A 98 -15.91 -4.06 -9.57
N VAL A 99 -16.13 -4.50 -8.34
CA VAL A 99 -15.08 -5.09 -7.51
C VAL A 99 -15.68 -5.72 -6.28
N GLU A 100 -15.37 -7.00 -6.05
CA GLU A 100 -15.86 -7.72 -4.87
C GLU A 100 -14.78 -7.76 -3.78
N MET A 101 -15.14 -7.36 -2.58
CA MET A 101 -14.24 -7.45 -1.44
C MET A 101 -14.87 -8.32 -0.38
N HIS A 102 -14.20 -8.45 0.76
CA HIS A 102 -14.72 -9.21 1.90
C HIS A 102 -14.15 -8.67 3.20
N GLY A 103 -15.04 -8.30 4.12
CA GLY A 103 -14.65 -8.00 5.48
C GLY A 103 -15.31 -6.76 6.06
N ASN A 104 -16.61 -6.63 5.83
CA ASN A 104 -17.34 -5.43 6.24
C ASN A 104 -17.25 -4.36 5.16
N ASN A 105 -17.91 -4.62 4.03
CA ASN A 105 -18.09 -3.60 2.99
C ASN A 105 -18.70 -2.34 3.58
N GLY A 106 -19.88 -2.49 4.16
CA GLY A 106 -20.52 -1.43 4.93
C GLY A 106 -22.03 -1.46 4.79
N SER A 107 -22.72 -1.45 5.94
CA SER A 107 -24.17 -1.59 5.98
C SER A 107 -24.86 -0.46 5.19
N MET A 108 -26.10 -0.71 4.75
CA MET A 108 -27.01 0.38 4.40
C MET A 108 -27.38 1.12 5.67
N ASP A 109 -26.90 0.61 6.81
CA ASP A 109 -27.29 1.10 8.12
C ASP A 109 -26.26 2.09 8.67
N GLY A 110 -25.72 2.92 7.79
CA GLY A 110 -24.64 3.81 8.17
C GLY A 110 -23.49 3.06 8.82
N ASP A 111 -22.71 2.37 8.00
CA ASP A 111 -21.57 1.61 8.50
C ASP A 111 -20.25 2.14 7.94
N PRO A 112 -19.43 2.77 8.80
CA PRO A 112 -18.02 3.07 8.50
C PRO A 112 -17.27 1.78 8.16
N PRO A 113 -16.74 1.68 6.94
CA PRO A 113 -15.87 0.56 6.53
C PRO A 113 -14.48 0.71 7.12
N ALA A 114 -13.76 -0.39 7.31
CA ALA A 114 -12.47 -0.35 8.00
C ALA A 114 -11.31 -0.06 7.04
N ALA A 115 -10.26 0.55 7.57
CA ALA A 115 -9.15 1.02 6.74
C ALA A 115 -8.62 -0.09 5.87
N MET A 116 -7.58 0.21 5.09
CA MET A 116 -6.94 -0.78 4.23
C MET A 116 -6.44 -1.99 5.03
N ARG A 117 -6.38 -1.84 6.35
CA ARG A 117 -5.60 -2.74 7.21
C ARG A 117 -6.32 -4.08 7.37
N TYR A 118 -7.56 -4.14 6.89
CA TYR A 118 -8.47 -5.22 7.24
C TYR A 118 -9.11 -5.81 6.00
N THR A 119 -9.51 -4.96 5.07
CA THR A 119 -10.26 -5.40 3.90
C THR A 119 -9.37 -6.16 2.91
N GLU A 120 -9.90 -7.26 2.38
CA GLU A 120 -9.29 -7.96 1.26
C GLU A 120 -10.22 -7.90 0.08
N ALA A 121 -9.69 -7.60 -1.12
CA ALA A 121 -10.55 -7.49 -2.29
C ALA A 121 -9.96 -8.12 -3.54
N ARG A 122 -10.66 -7.96 -4.66
CA ARG A 122 -10.40 -8.74 -5.88
C ARG A 122 -11.33 -8.28 -6.98
N LEU A 123 -10.90 -8.34 -8.23
CA LEU A 123 -11.75 -7.87 -9.33
C LEU A 123 -12.94 -8.80 -9.54
N SER A 124 -14.10 -8.21 -9.85
CA SER A 124 -15.36 -8.93 -9.78
C SER A 124 -15.77 -9.47 -11.14
N GLU A 125 -16.80 -10.31 -11.15
CA GLU A 125 -17.21 -10.99 -12.38
C GLU A 125 -17.39 -9.99 -13.52
N ILE A 126 -18.61 -9.43 -13.63
CA ILE A 126 -18.86 -8.34 -14.57
C ILE A 126 -17.65 -7.43 -14.62
N ALA A 127 -16.99 -7.29 -13.47
CA ALA A 127 -15.71 -6.58 -13.37
C ALA A 127 -14.79 -6.93 -14.53
N GLY A 128 -14.51 -8.22 -14.70
CA GLY A 128 -13.82 -8.69 -15.90
C GLY A 128 -14.19 -7.87 -17.12
N TYR A 129 -15.42 -8.06 -17.59
CA TYR A 129 -15.96 -7.33 -18.73
C TYR A 129 -15.08 -6.16 -19.16
N LEU A 130 -15.32 -5.00 -18.55
CA LEU A 130 -14.77 -3.73 -19.04
C LEU A 130 -13.29 -3.86 -19.43
N LEU A 131 -12.49 -4.44 -18.54
CA LEU A 131 -11.06 -4.60 -18.81
C LEU A 131 -10.80 -5.81 -19.71
N GLN A 132 -11.79 -6.17 -20.52
CA GLN A 132 -11.74 -7.43 -21.24
C GLN A 132 -11.24 -7.27 -22.66
N ASP A 133 -10.04 -6.68 -22.81
CA ASP A 133 -9.43 -6.55 -24.12
C ASP A 133 -8.42 -5.40 -24.19
N ILE A 134 -8.11 -4.82 -23.02
CA ILE A 134 -6.90 -4.00 -22.86
C ILE A 134 -5.72 -4.77 -23.42
N GLU A 135 -5.75 -6.09 -23.24
CA GLU A 135 -4.68 -6.98 -23.68
C GLU A 135 -3.99 -6.44 -24.94
N LYS A 136 -4.73 -6.38 -26.05
CA LYS A 136 -4.16 -5.93 -27.30
C LYS A 136 -4.16 -4.41 -27.40
N LYS A 137 -3.70 -3.89 -28.54
CA LYS A 137 -3.69 -2.45 -28.78
C LYS A 137 -5.10 -1.92 -29.02
N THR A 138 -5.98 -2.17 -28.06
CA THR A 138 -7.39 -1.82 -28.19
C THR A 138 -7.59 -0.32 -27.96
N VAL A 139 -8.11 0.05 -26.81
CA VAL A 139 -8.24 1.46 -26.45
C VAL A 139 -6.86 2.08 -26.33
N PRO A 140 -6.74 3.37 -26.69
CA PRO A 140 -5.46 4.09 -26.78
C PRO A 140 -4.89 4.54 -25.44
N PHE A 141 -3.74 3.98 -25.07
CA PHE A 141 -3.17 4.15 -23.73
C PHE A 141 -2.16 5.30 -23.71
N ALA A 142 -2.11 6.02 -22.58
CA ALA A 142 -1.27 7.20 -22.44
C ALA A 142 -0.15 6.98 -21.44
N TRP A 143 0.41 8.06 -20.91
CA TRP A 143 1.61 7.93 -20.07
C TRP A 143 1.32 7.98 -18.57
N ASN A 144 2.21 7.36 -17.78
CA ASN A 144 2.19 7.50 -16.33
C ASN A 144 2.49 8.94 -15.93
N PHE A 145 2.20 9.30 -14.68
CA PHE A 145 2.63 10.60 -14.18
C PHE A 145 4.12 10.58 -13.79
N ASP A 146 4.52 9.59 -13.01
CA ASP A 146 5.94 9.31 -12.80
C ASP A 146 6.65 9.12 -14.13
N ASP A 147 5.87 8.82 -15.18
CA ASP A 147 6.42 8.47 -16.48
C ASP A 147 7.06 7.09 -16.45
N THR A 148 6.55 6.23 -15.57
CA THR A 148 7.08 4.89 -15.41
C THR A 148 6.34 3.89 -16.31
N GLU A 149 5.21 3.38 -15.83
CA GLU A 149 4.34 2.56 -16.68
C GLU A 149 3.58 3.45 -17.66
N LYS A 150 2.69 2.86 -18.45
CA LYS A 150 1.68 3.65 -19.16
C LYS A 150 0.27 3.36 -18.63
N GLU A 151 -0.62 4.34 -18.75
CA GLU A 151 -1.99 4.18 -18.30
C GLU A 151 -2.99 4.44 -19.43
N PRO A 152 -4.10 3.67 -19.44
CA PRO A 152 -5.12 3.75 -20.48
C PRO A 152 -6.08 4.92 -20.31
N THR A 153 -6.52 5.51 -21.42
CA THR A 153 -7.45 6.62 -21.38
C THR A 153 -8.87 6.16 -21.71
N VAL A 154 -9.51 5.49 -20.75
CA VAL A 154 -10.82 4.89 -20.96
C VAL A 154 -10.73 3.43 -21.39
N LEU A 155 -10.95 2.52 -20.43
CA LEU A 155 -10.97 1.09 -20.66
C LEU A 155 -12.12 0.70 -21.59
N PRO A 156 -11.90 -0.28 -22.51
CA PRO A 156 -12.68 -0.39 -23.75
C PRO A 156 -14.13 -0.78 -23.50
N ALA A 157 -14.34 -1.77 -22.63
CA ALA A 157 -15.63 -1.99 -21.95
C ALA A 157 -16.56 -2.95 -22.68
N ALA A 158 -16.86 -4.10 -22.05
CA ALA A 158 -17.95 -4.96 -22.49
C ALA A 158 -19.29 -4.43 -21.98
N PHE A 159 -19.45 -4.47 -20.66
CA PHE A 159 -20.69 -4.09 -20.01
C PHE A 159 -20.84 -2.57 -19.94
N PRO A 160 -21.95 -2.05 -20.50
CA PRO A 160 -22.19 -0.61 -20.66
C PRO A 160 -22.24 0.22 -19.37
N ASN A 161 -21.22 0.03 -18.53
CA ASN A 161 -21.15 0.68 -17.22
C ASN A 161 -21.83 2.05 -17.20
N LEU A 162 -21.98 2.68 -18.36
CA LEU A 162 -22.28 4.10 -18.42
C LEU A 162 -23.71 4.40 -18.01
N LEU A 163 -24.64 3.64 -18.58
CA LEU A 163 -26.07 3.81 -18.29
C LEU A 163 -26.60 2.63 -17.47
N VAL A 164 -25.73 1.65 -17.23
CA VAL A 164 -26.02 0.57 -16.30
C VAL A 164 -25.55 0.93 -14.90
N ASN A 165 -24.87 2.08 -14.80
CA ASN A 165 -24.44 2.62 -13.52
C ASN A 165 -24.69 4.12 -13.41
N THR A 176 -23.61 16.19 -12.76
CA THR A 176 -23.56 14.93 -13.51
C THR A 176 -24.09 13.77 -12.68
N ASP A 177 -25.25 13.25 -13.07
CA ASP A 177 -25.83 12.07 -12.43
C ASP A 177 -26.49 11.15 -13.46
N ILE A 178 -26.18 9.85 -13.37
CA ILE A 178 -26.80 8.85 -14.22
C ILE A 178 -27.10 7.60 -13.40
N PRO A 179 -28.40 7.30 -13.23
CA PRO A 179 -28.88 6.22 -12.35
C PRO A 179 -28.86 4.85 -13.04
N PRO A 180 -28.75 3.78 -12.25
CA PRO A 180 -28.68 2.41 -12.75
C PRO A 180 -29.75 2.13 -13.81
N HIS A 181 -29.50 1.17 -14.70
CA HIS A 181 -30.49 0.82 -15.71
C HIS A 181 -30.48 -0.66 -16.09
N ASN A 182 -29.61 -1.44 -15.45
CA ASN A 182 -29.70 -2.90 -15.55
C ASN A 182 -29.17 -3.43 -16.88
N LEU A 183 -28.04 -4.16 -16.81
CA LEU A 183 -27.48 -4.79 -18.00
C LEU A 183 -28.58 -5.33 -18.90
N ALA A 184 -29.63 -5.83 -18.28
CA ALA A 184 -30.72 -6.51 -18.99
C ALA A 184 -31.31 -5.58 -20.06
N GLU A 185 -31.86 -4.46 -19.61
CA GLU A 185 -32.49 -3.53 -20.55
C GLU A 185 -31.46 -2.90 -21.48
N VAL A 186 -30.22 -2.72 -20.99
CA VAL A 186 -29.25 -1.88 -21.67
C VAL A 186 -28.71 -2.53 -22.93
N ILE A 187 -28.20 -3.75 -22.82
CA ILE A 187 -27.69 -4.45 -24.00
C ILE A 187 -28.83 -4.81 -24.94
N ASP A 188 -30.05 -4.84 -24.39
CA ASP A 188 -31.24 -5.13 -25.18
C ASP A 188 -31.51 -4.00 -26.18
N ALA A 189 -31.61 -2.78 -25.67
CA ALA A 189 -31.63 -1.60 -26.52
C ALA A 189 -30.38 -1.55 -27.39
N ALA A 190 -29.22 -1.54 -26.74
CA ALA A 190 -27.94 -1.61 -27.41
C ALA A 190 -28.06 -2.38 -28.73
N VAL A 191 -28.57 -3.60 -28.64
CA VAL A 191 -28.89 -4.39 -29.83
C VAL A 191 -29.66 -3.55 -30.85
N TYR A 192 -30.85 -3.12 -30.48
CA TYR A 192 -31.73 -2.41 -31.40
C TYR A 192 -30.98 -1.30 -32.12
N MET A 193 -30.47 -0.34 -31.34
CA MET A 193 -29.77 0.81 -31.89
C MET A 193 -28.88 0.44 -33.07
N ILE A 194 -28.08 -0.61 -32.90
CA ILE A 194 -27.16 -1.02 -33.95
C ILE A 194 -27.90 -1.23 -35.27
N ASP A 195 -28.63 -2.34 -35.39
CA ASP A 195 -29.21 -2.74 -36.66
C ASP A 195 -30.24 -1.72 -37.13
N HIS A 196 -30.78 -0.94 -36.20
CA HIS A 196 -31.55 0.26 -36.55
C HIS A 196 -30.92 1.50 -35.93
N PRO A 197 -30.24 2.31 -36.75
CA PRO A 197 -29.51 3.51 -36.31
C PRO A 197 -30.43 4.58 -35.77
N THR A 198 -31.13 5.27 -36.68
CA THR A 198 -32.06 6.33 -36.31
C THR A 198 -33.28 5.78 -35.57
N ALA A 199 -33.37 6.11 -34.28
CA ALA A 199 -34.44 5.58 -33.43
C ALA A 199 -35.08 6.67 -32.57
N LYS A 200 -36.38 6.54 -32.34
CA LYS A 200 -37.11 7.44 -31.47
C LYS A 200 -36.98 7.00 -30.00
N ILE A 201 -36.99 7.98 -29.11
CA ILE A 201 -36.81 7.71 -27.67
C ILE A 201 -37.97 6.91 -27.10
N ASP A 202 -39.11 6.93 -27.77
CA ASP A 202 -40.32 6.28 -27.28
C ASP A 202 -40.29 4.78 -27.55
N LYS A 203 -39.71 4.38 -28.69
CA LYS A 203 -39.64 2.98 -29.08
C LYS A 203 -38.49 2.27 -28.37
N LEU A 204 -37.53 3.04 -27.91
CA LEU A 204 -36.33 2.50 -27.26
C LEU A 204 -36.53 2.37 -25.75
N MET A 205 -37.45 3.16 -25.19
CA MET A 205 -37.85 2.99 -23.80
C MET A 205 -38.61 1.68 -23.60
N GLU A 206 -39.13 1.13 -24.70
CA GLU A 206 -39.78 -0.18 -24.69
C GLU A 206 -38.86 -1.24 -24.10
N PHE A 207 -37.56 -1.00 -24.22
CA PHE A 207 -36.55 -1.95 -23.77
C PHE A 207 -36.09 -1.62 -22.35
N LEU A 208 -36.05 -0.32 -22.05
CA LEU A 208 -35.63 0.17 -20.75
C LEU A 208 -36.71 1.05 -20.15
N PRO A 209 -37.82 0.43 -19.72
CA PRO A 209 -38.98 1.15 -19.18
C PRO A 209 -38.58 2.17 -18.12
N GLY A 210 -37.40 1.98 -17.54
CA GLY A 210 -36.86 2.91 -16.57
C GLY A 210 -35.57 2.40 -15.94
N PRO A 211 -34.92 3.25 -15.13
CA PRO A 211 -33.72 2.86 -14.37
C PRO A 211 -34.07 1.82 -13.31
N ASP A 212 -33.36 0.69 -13.30
CA ASP A 212 -33.41 -0.24 -12.18
C ASP A 212 -32.45 0.19 -11.08
N PHE A 213 -32.94 0.28 -9.86
CA PHE A 213 -32.06 0.47 -8.69
C PHE A 213 -31.91 -0.87 -7.97
N PRO A 214 -30.76 -1.10 -7.33
CA PRO A 214 -30.57 -2.28 -6.49
C PRO A 214 -31.75 -2.41 -5.55
N THR A 215 -32.20 -1.28 -4.99
CA THR A 215 -33.37 -1.25 -4.13
C THR A 215 -34.55 -0.64 -4.89
N GLY A 216 -34.78 -1.15 -6.10
CA GLY A 216 -35.80 -0.63 -6.98
C GLY A 216 -37.14 -0.41 -6.30
N ALA A 217 -37.93 -1.47 -6.21
CA ALA A 217 -39.29 -1.36 -5.67
C ALA A 217 -40.24 -0.72 -6.68
N ILE A 218 -40.48 0.58 -6.54
CA ILE A 218 -41.46 1.27 -7.36
C ILE A 218 -40.98 2.66 -7.76
N ILE A 219 -41.03 2.93 -9.06
CA ILE A 219 -40.68 4.25 -9.60
C ILE A 219 -41.79 4.79 -10.47
N GLN A 220 -42.30 5.97 -10.12
CA GLN A 220 -43.42 6.57 -10.84
C GLN A 220 -43.00 7.80 -11.63
N GLY A 221 -43.45 7.87 -12.88
CA GLY A 221 -43.19 9.02 -13.73
C GLY A 221 -42.97 8.64 -15.18
N ARG A 222 -43.95 7.98 -15.78
CA ARG A 222 -43.83 7.49 -17.15
C ARG A 222 -43.58 8.63 -18.14
N ASP A 223 -44.42 9.65 -18.08
CA ASP A 223 -44.28 10.80 -18.97
C ASP A 223 -43.08 11.66 -18.56
N GLU A 224 -42.70 11.57 -17.29
CA GLU A 224 -41.58 12.34 -16.76
C GLU A 224 -40.24 11.76 -17.24
N ILE A 225 -40.10 10.45 -17.20
CA ILE A 225 -38.91 9.82 -17.74
C ILE A 225 -38.87 10.01 -19.25
N LYS A 226 -39.99 9.70 -19.91
CA LYS A 226 -40.04 9.65 -21.36
C LYS A 226 -39.40 10.88 -22.02
N LYS A 227 -39.78 12.06 -21.55
CA LYS A 227 -39.20 13.30 -22.05
C LYS A 227 -37.73 13.40 -21.64
N ALA A 228 -37.41 12.93 -20.44
CA ALA A 228 -36.09 13.13 -19.87
C ALA A 228 -35.00 12.43 -20.69
N TYR A 229 -35.40 11.41 -21.43
CA TYR A 229 -34.44 10.52 -22.09
C TYR A 229 -33.72 11.22 -23.24
N GLU A 230 -34.28 12.32 -23.72
CA GLU A 230 -33.61 13.15 -24.71
C GLU A 230 -33.16 14.47 -24.09
N THR A 231 -33.95 14.97 -23.15
CA THR A 231 -33.69 16.26 -22.52
C THR A 231 -32.49 16.19 -21.58
N GLY A 232 -32.23 14.99 -21.05
CA GLY A 232 -31.12 14.79 -20.14
C GLY A 232 -31.29 15.58 -18.86
N GLY A 234 -34.45 16.05 -15.70
CA GLY A 234 -35.83 15.89 -15.26
C GLY A 234 -35.95 15.33 -13.87
N ARG A 235 -37.11 14.75 -13.56
CA ARG A 235 -37.40 14.25 -12.22
C ARG A 235 -38.44 13.13 -12.24
N VAL A 236 -38.12 12.04 -11.56
CA VAL A 236 -39.00 10.86 -11.53
C VAL A 236 -39.71 10.75 -10.18
N VAL A 237 -39.92 9.53 -9.73
CA VAL A 237 -40.46 9.26 -8.41
C VAL A 237 -40.12 7.84 -7.96
N VAL A 238 -40.13 7.60 -6.65
CA VAL A 238 -39.67 6.32 -6.14
C VAL A 238 -40.30 5.97 -4.79
N ARG A 239 -40.89 4.78 -4.69
CA ARG A 239 -41.64 4.40 -3.50
C ARG A 239 -41.00 3.21 -2.78
N SER A 240 -41.27 3.12 -1.49
CA SER A 240 -40.65 2.13 -0.61
C SER A 240 -41.16 0.72 -0.86
N LYS A 241 -40.50 -0.26 -0.23
CA LYS A 241 -41.00 -1.64 -0.16
C LYS A 241 -41.90 -1.83 1.05
N THR A 242 -43.15 -1.38 0.92
CA THR A 242 -44.08 -1.35 2.04
C THR A 242 -44.98 -2.59 2.05
N GLU A 243 -45.37 -3.02 3.25
CA GLU A 243 -46.08 -4.29 3.40
C GLU A 243 -47.40 -4.12 4.16
N ILE A 244 -48.44 -4.81 3.68
CA ILE A 244 -49.74 -4.82 4.33
C ILE A 244 -50.07 -6.21 4.86
N GLU A 245 -50.19 -6.34 6.17
CA GLU A 245 -50.60 -7.60 6.79
C GLU A 245 -51.19 -7.37 8.17
N LYS A 246 -51.83 -8.40 8.72
CA LYS A 246 -52.58 -8.28 9.97
C LYS A 246 -51.95 -9.11 11.09
N LEU A 247 -51.63 -8.45 12.19
CA LEU A 247 -50.97 -9.11 13.32
C LEU A 247 -51.97 -9.88 14.16
N LYS A 248 -51.55 -10.25 15.37
CA LYS A 248 -52.44 -10.95 16.30
C LYS A 248 -53.13 -9.98 17.25
N GLY A 249 -54.28 -10.38 17.77
CA GLY A 249 -55.00 -9.57 18.73
C GLY A 249 -55.83 -8.47 18.09
N GLY A 250 -55.59 -8.24 16.81
CA GLY A 250 -56.38 -7.28 16.05
C GLY A 250 -55.73 -5.91 15.99
N LYS A 251 -54.57 -5.84 15.34
CA LYS A 251 -53.90 -4.55 15.12
C LYS A 251 -53.28 -4.48 13.73
N GLU A 252 -52.89 -3.28 13.34
CA GLU A 252 -52.31 -3.05 12.02
C GLU A 252 -50.83 -3.41 11.98
N GLN A 253 -50.43 -4.15 10.95
CA GLN A 253 -49.02 -4.53 10.78
C GLN A 253 -48.49 -4.12 9.40
N ILE A 254 -48.13 -2.85 9.26
CA ILE A 254 -47.53 -2.36 8.03
C ILE A 254 -46.14 -1.81 8.29
N VAL A 255 -45.12 -2.61 7.95
CA VAL A 255 -43.74 -2.24 8.20
C VAL A 255 -42.88 -2.35 6.93
N ILE A 256 -41.62 -1.96 7.05
CA ILE A 256 -40.73 -1.84 5.89
C ILE A 256 -39.70 -2.97 5.88
N THR A 257 -39.32 -3.37 4.66
CA THR A 257 -38.64 -4.64 4.40
C THR A 257 -37.31 -4.77 5.14
N GLU A 262 -32.02 4.37 -4.69
CA GLU A 262 -30.73 4.83 -4.22
C GLU A 262 -30.88 5.86 -3.10
N ILE A 263 -31.31 5.39 -1.93
CA ILE A 263 -31.53 6.26 -0.77
C ILE A 263 -30.51 5.96 0.33
N ASN A 264 -30.97 6.05 1.58
CA ASN A 264 -30.09 5.82 2.72
C ASN A 264 -30.85 5.46 3.99
N LYS A 265 -30.62 4.26 4.50
CA LYS A 265 -31.38 3.74 5.65
C LYS A 265 -30.90 4.35 6.96
N ALA A 266 -29.91 5.25 6.86
CA ALA A 266 -29.25 5.83 8.01
C ALA A 266 -30.17 6.82 8.74
N ASN A 267 -31.03 7.48 7.97
CA ASN A 267 -31.89 8.52 8.52
C ASN A 267 -33.37 8.17 8.44
N LEU A 268 -33.69 7.06 7.78
CA LEU A 268 -35.09 6.63 7.68
C LEU A 268 -35.48 5.75 8.86
N VAL A 269 -34.48 5.14 9.48
CA VAL A 269 -34.66 4.38 10.71
C VAL A 269 -35.22 5.26 11.83
N LYS A 270 -34.58 6.41 12.03
CA LYS A 270 -35.02 7.36 13.04
C LYS A 270 -36.19 8.21 12.53
N LYS A 271 -36.28 8.35 11.20
CA LYS A 271 -37.30 9.19 10.60
C LYS A 271 -38.71 8.61 10.81
N ILE A 272 -38.83 7.30 10.67
CA ILE A 272 -40.03 6.60 11.14
C ILE A 272 -40.35 7.01 12.56
N ASP A 273 -39.42 6.75 13.47
CA ASP A 273 -39.65 6.94 14.90
C ASP A 273 -39.76 8.42 15.27
N ASP A 274 -39.45 9.30 14.33
CA ASP A 274 -39.69 10.73 14.55
C ASP A 274 -41.18 11.05 14.45
N VAL A 275 -41.85 10.48 13.46
CA VAL A 275 -43.30 10.61 13.34
C VAL A 275 -43.99 10.28 14.66
N ARG A 276 -43.54 9.19 15.29
CA ARG A 276 -44.12 8.75 16.56
C ARG A 276 -43.74 9.67 17.71
N VAL A 277 -42.53 10.20 17.67
CA VAL A 277 -42.05 11.05 18.75
C VAL A 277 -42.80 12.37 18.81
N ASN A 278 -43.21 12.87 17.64
CA ASN A 278 -43.93 14.14 17.56
C ASN A 278 -45.43 13.92 17.36
N ASN A 279 -45.85 12.66 17.43
CA ASN A 279 -47.27 12.31 17.38
C ASN A 279 -48.05 13.22 16.43
N LYS A 280 -47.57 13.31 15.19
CA LYS A 280 -48.17 14.21 14.21
C LYS A 280 -48.64 13.45 12.96
N VAL A 281 -49.25 12.29 13.18
CA VAL A 281 -49.84 11.53 12.09
C VAL A 281 -50.84 10.49 12.60
N ILE A 300 -43.24 0.23 13.66
CA ILE A 300 -44.44 0.73 12.99
C ILE A 300 -45.38 -0.41 12.57
N GLU A 301 -45.29 -1.55 13.26
CA GLU A 301 -46.32 -2.57 13.21
C GLU A 301 -47.28 -2.43 14.38
N LEU A 302 -47.75 -1.20 14.61
CA LEU A 302 -48.64 -0.89 15.70
C LEU A 302 -50.10 -0.84 15.24
N THR A 308 -55.56 3.46 10.10
CA THR A 308 -55.91 4.24 8.91
C THR A 308 -54.80 4.21 7.87
N GLU A 309 -55.16 3.81 6.65
CA GLU A 309 -54.22 3.68 5.55
C GLU A 309 -53.87 5.04 4.94
N LEU A 310 -54.69 6.05 5.23
CA LEU A 310 -54.34 7.44 4.96
C LEU A 310 -53.09 7.82 5.74
N VAL A 311 -52.88 7.14 6.87
CA VAL A 311 -51.77 7.45 7.76
C VAL A 311 -50.43 7.16 7.10
N LEU A 312 -50.30 5.98 6.50
CA LEU A 312 -49.11 5.64 5.73
C LEU A 312 -48.84 6.69 4.66
N ASN A 313 -49.92 7.30 4.15
CA ASN A 313 -49.83 8.30 3.09
C ASN A 313 -49.10 9.55 3.55
N TYR A 314 -49.22 9.87 4.84
CA TYR A 314 -48.52 11.02 5.42
C TYR A 314 -47.01 10.84 5.39
N LEU A 315 -46.56 9.70 5.92
CA LEU A 315 -45.14 9.38 5.99
C LEU A 315 -44.57 9.14 4.60
N PHE A 316 -45.45 8.70 3.70
CA PHE A 316 -45.08 8.24 2.36
C PHE A 316 -44.78 9.44 1.46
N LYS A 317 -44.64 10.62 2.05
CA LYS A 317 -44.30 11.81 1.26
C LYS A 317 -43.57 12.83 2.11
N TYR A 318 -43.52 12.60 3.42
CA TYR A 318 -42.93 13.56 4.34
C TYR A 318 -41.78 12.94 5.12
N THR A 319 -41.87 11.63 5.36
CA THR A 319 -40.91 10.93 6.21
C THR A 319 -39.69 10.50 5.40
N ASP A 320 -39.62 10.92 4.14
CA ASP A 320 -38.50 10.57 3.28
C ASP A 320 -38.46 9.08 3.00
N LEU A 321 -39.61 8.43 3.12
CA LEU A 321 -39.70 6.99 2.89
C LEU A 321 -40.23 6.72 1.49
N GLN A 322 -40.39 7.80 0.72
CA GLN A 322 -40.73 7.71 -0.69
C GLN A 322 -40.31 8.97 -1.44
N ILE A 323 -39.04 9.34 -1.26
CA ILE A 323 -38.50 10.56 -1.86
C ILE A 323 -38.33 10.42 -3.38
N ASN A 324 -37.27 11.04 -3.91
CA ASN A 324 -36.68 10.66 -5.20
C ASN A 324 -37.64 10.77 -6.39
N TYR A 325 -37.06 10.85 -7.59
CA TYR A 325 -35.62 10.93 -7.78
C TYR A 325 -35.29 12.20 -8.56
N ASN A 326 -34.01 12.46 -8.81
CA ASN A 326 -33.62 13.37 -9.89
C ASN A 326 -32.81 12.64 -10.97
N PHE A 327 -32.65 13.29 -12.11
CA PHE A 327 -31.76 12.81 -13.16
C PHE A 327 -31.04 13.98 -13.82
N ASN A 328 -29.74 13.82 -14.03
CA ASN A 328 -28.89 14.89 -14.56
C ASN A 328 -27.86 14.37 -15.57
N MET A 329 -28.36 13.87 -16.70
CA MET A 329 -27.53 13.22 -17.70
C MET A 329 -26.37 14.10 -18.16
N VAL A 330 -25.15 13.74 -17.74
CA VAL A 330 -24.00 14.61 -17.90
C VAL A 330 -22.71 13.80 -17.82
N ALA A 331 -21.95 13.80 -18.92
CA ALA A 331 -20.64 13.17 -18.92
C ALA A 331 -19.64 13.95 -19.75
N ILE A 332 -18.61 13.24 -20.22
CA ILE A 332 -17.61 13.83 -21.10
C ILE A 332 -17.54 13.03 -22.40
N ASP A 333 -17.90 13.68 -23.50
CA ASP A 333 -17.80 13.08 -24.84
C ASP A 333 -17.02 14.00 -25.78
N ASN A 334 -16.16 13.39 -26.59
CA ASN A 334 -15.28 14.14 -27.48
C ASN A 334 -14.22 14.92 -26.71
N PHE A 335 -13.66 14.27 -25.68
CA PHE A 335 -12.93 14.94 -24.58
C PHE A 335 -13.47 16.32 -24.22
N THR A 336 -14.78 16.42 -23.99
CA THR A 336 -15.42 17.69 -23.75
C THR A 336 -16.75 17.48 -23.01
N PRO A 337 -16.92 18.16 -21.88
CA PRO A 337 -18.01 17.89 -20.93
C PRO A 337 -19.36 18.30 -21.49
N ARG A 338 -20.28 17.37 -21.65
CA ARG A 338 -21.59 17.69 -22.24
C ARG A 338 -22.75 16.97 -21.56
N GLN A 339 -23.93 17.57 -21.60
CA GLN A 339 -25.15 16.82 -21.30
C GLN A 339 -25.55 15.98 -22.51
N VAL A 340 -25.90 14.72 -22.28
CA VAL A 340 -26.43 13.89 -23.36
C VAL A 340 -27.76 13.27 -22.96
N GLY A 341 -28.14 12.18 -23.63
CA GLY A 341 -29.35 11.47 -23.30
C GLY A 341 -29.30 10.02 -23.75
N ILE A 342 -30.44 9.34 -23.69
CA ILE A 342 -30.49 7.90 -23.91
C ILE A 342 -29.99 7.53 -25.31
N VAL A 343 -30.13 8.47 -26.24
CA VAL A 343 -29.72 8.25 -27.63
C VAL A 343 -28.24 8.54 -27.85
N PRO A 344 -27.75 9.69 -27.35
CA PRO A 344 -26.32 9.97 -27.44
C PRO A 344 -25.50 8.84 -26.82
N ILE A 345 -25.75 8.58 -25.53
CA ILE A 345 -24.93 7.65 -24.76
C ILE A 345 -24.72 6.34 -25.52
N LEU A 346 -25.82 5.66 -25.83
CA LEU A 346 -25.75 4.46 -26.66
C LEU A 346 -25.09 4.78 -28.00
N SER A 347 -25.28 6.00 -28.48
CA SER A 347 -24.74 6.41 -29.77
C SER A 347 -23.22 6.39 -29.77
N SER A 348 -22.61 7.02 -28.77
CA SER A 348 -21.15 7.10 -28.70
C SER A 348 -20.52 5.77 -28.30
N TYR A 349 -21.23 4.99 -27.50
CA TYR A 349 -20.72 3.71 -27.00
C TYR A 349 -20.75 2.66 -28.12
N ILE A 350 -21.74 2.77 -29.01
CA ILE A 350 -21.74 2.02 -30.26
C ILE A 350 -20.50 2.38 -31.05
N ALA A 351 -20.25 3.68 -31.18
CA ALA A 351 -19.09 4.18 -31.90
C ALA A 351 -17.79 3.83 -31.16
N HIS A 352 -17.86 3.75 -29.84
CA HIS A 352 -16.67 3.50 -29.04
C HIS A 352 -16.18 2.09 -29.29
N ARG A 353 -17.12 1.17 -29.50
CA ARG A 353 -16.79 -0.22 -29.82
C ARG A 353 -16.43 -0.35 -31.30
N ARG A 354 -17.20 0.28 -32.17
CA ARG A 354 -16.83 0.32 -33.57
C ARG A 354 -15.31 0.36 -33.71
N GLU A 355 -14.64 1.04 -32.77
CA GLU A 355 -13.21 1.27 -32.92
C GLU A 355 -12.38 0.35 -32.02
N VAL A 356 -13.01 -0.18 -30.97
CA VAL A 356 -12.42 -1.28 -30.21
C VAL A 356 -12.31 -2.51 -31.10
N ILE A 357 -13.45 -2.95 -31.61
CA ILE A 357 -13.48 -4.10 -32.52
C ILE A 357 -12.53 -3.89 -33.69
N LEU A 358 -12.64 -2.73 -34.35
CA LEU A 358 -11.73 -2.44 -35.46
C LEU A 358 -10.26 -2.63 -35.03
N ALA A 359 -9.95 -2.24 -33.81
CA ALA A 359 -8.57 -2.38 -33.33
C ALA A 359 -8.23 -3.85 -33.13
N ARG A 360 -8.98 -4.51 -32.25
CA ARG A 360 -8.79 -5.95 -32.05
C ARG A 360 -8.71 -6.72 -33.38
N SER A 361 -9.33 -6.19 -34.41
CA SER A 361 -9.11 -6.67 -35.77
C SER A 361 -7.71 -6.33 -36.24
N ARG A 362 -7.52 -5.07 -36.61
CA ARG A 362 -6.27 -4.61 -37.22
C ARG A 362 -5.04 -5.19 -36.52
N PHE A 363 -5.15 -5.41 -35.21
CA PHE A 363 -4.04 -5.93 -34.45
C PHE A 363 -3.90 -7.44 -34.64
N ASP A 364 -4.83 -8.18 -34.07
CA ASP A 364 -4.79 -9.65 -34.16
C ASP A 364 -4.46 -10.11 -35.58
N LYS A 365 -4.92 -9.34 -36.57
CA LYS A 365 -4.59 -9.60 -37.97
C LYS A 365 -3.09 -9.51 -38.20
N GLU A 366 -2.48 -8.41 -37.76
CA GLU A 366 -1.06 -8.18 -37.98
C GLU A 366 -0.22 -9.21 -37.24
N LYS A 367 -0.73 -9.68 -36.10
CA LYS A 367 -0.01 -10.69 -35.31
C LYS A 367 0.05 -12.00 -36.07
N ALA A 368 -1.06 -12.34 -36.74
CA ALA A 368 -1.12 -13.52 -37.61
C ALA A 368 -0.17 -13.36 -38.79
N GLU A 369 -0.45 -12.42 -39.68
CA GLU A 369 0.49 -12.14 -40.76
C GLU A 369 1.90 -12.49 -40.31
N LYS A 370 2.31 -11.90 -39.19
CA LYS A 370 3.67 -12.04 -38.69
C LYS A 370 4.02 -13.48 -38.34
N ARG A 371 3.00 -14.28 -38.02
CA ARG A 371 3.23 -15.67 -37.67
C ARG A 371 3.27 -16.55 -38.93
N LEU A 372 2.24 -16.43 -39.76
CA LEU A 372 2.19 -17.21 -40.99
C LEU A 372 3.46 -17.03 -41.82
N HIS A 373 4.25 -16.02 -41.50
CA HIS A 373 5.39 -15.65 -42.34
C HIS A 373 6.66 -16.39 -41.92
N ILE A 374 6.80 -16.69 -40.64
CA ILE A 374 7.88 -17.57 -40.21
C ILE A 374 7.44 -19.04 -40.29
N VAL A 375 6.12 -19.27 -40.22
CA VAL A 375 5.60 -20.58 -40.58
C VAL A 375 5.86 -20.78 -42.07
N GLU A 376 5.28 -19.91 -42.89
CA GLU A 376 5.51 -19.93 -44.33
C GLU A 376 7.00 -20.10 -44.64
N GLY A 377 7.85 -19.58 -43.76
CA GLY A 377 9.28 -19.67 -43.96
C GLY A 377 9.82 -21.01 -43.49
N LEU A 378 9.41 -21.44 -42.32
CA LEU A 378 9.97 -22.65 -41.73
C LEU A 378 9.63 -23.88 -42.55
N ILE A 379 8.40 -23.93 -43.06
CA ILE A 379 8.00 -24.95 -44.04
C ILE A 379 9.06 -25.08 -45.14
N ARG A 380 9.14 -24.08 -46.00
CA ARG A 380 10.26 -23.97 -46.95
C ARG A 380 11.52 -24.60 -46.37
N VAL A 381 11.90 -24.18 -45.18
CA VAL A 381 13.21 -24.50 -44.60
C VAL A 381 13.36 -26.01 -44.45
N ILE A 382 12.23 -26.69 -44.21
CA ILE A 382 12.20 -28.14 -44.12
C ILE A 382 12.83 -28.74 -45.35
N SER A 383 12.32 -28.35 -46.52
CA SER A 383 12.86 -28.76 -47.81
C SER A 383 14.39 -28.88 -47.78
N ILE A 384 15.04 -27.84 -47.27
CA ILE A 384 16.49 -27.83 -47.18
C ILE A 384 16.95 -27.64 -45.72
N LEU A 385 16.39 -28.42 -44.80
CA LEU A 385 16.95 -28.46 -43.45
C LEU A 385 18.43 -28.86 -43.49
N ASP A 386 18.76 -29.80 -44.36
CA ASP A 386 20.13 -30.30 -44.46
C ASP A 386 21.09 -29.17 -44.79
N GLU A 387 20.89 -28.57 -45.97
CA GLU A 387 21.78 -27.50 -46.42
C GLU A 387 21.82 -26.36 -45.40
N VAL A 388 20.68 -26.08 -44.79
CA VAL A 388 20.58 -24.95 -43.87
C VAL A 388 21.34 -25.25 -42.59
N ILE A 389 21.05 -26.41 -41.99
CA ILE A 389 21.82 -26.89 -40.85
C ILE A 389 23.29 -26.91 -41.21
N ALA A 390 23.60 -26.58 -42.47
CA ALA A 390 24.97 -26.66 -42.96
C ALA A 390 25.73 -25.36 -42.69
N LEU A 391 25.40 -24.32 -43.44
CA LEU A 391 26.16 -23.07 -43.37
C LEU A 391 25.97 -22.40 -42.01
N ILE A 392 24.99 -22.85 -41.23
CA ILE A 392 24.81 -22.28 -39.90
C ILE A 392 25.83 -22.85 -38.93
N ARG A 393 26.50 -23.94 -39.32
CA ARG A 393 27.67 -24.40 -38.57
C ARG A 393 28.92 -23.64 -39.01
N ALA A 394 29.35 -23.93 -40.23
CA ALA A 394 30.57 -23.33 -40.78
C ALA A 394 30.44 -21.82 -40.95
N SER A 395 29.40 -21.24 -40.33
CA SER A 395 29.05 -19.85 -40.61
C SER A 395 30.10 -18.88 -40.05
N GLU A 396 29.89 -18.41 -38.83
CA GLU A 396 30.90 -17.59 -38.15
C GLU A 396 30.43 -17.13 -36.78
N ASN A 397 29.74 -16.00 -36.72
CA ASN A 397 29.16 -15.55 -35.48
C ASN A 397 27.68 -15.93 -35.35
N LYS A 398 26.94 -15.18 -34.55
CA LYS A 398 25.48 -15.29 -34.53
C LYS A 398 24.90 -14.45 -35.65
N ALA A 399 25.10 -13.13 -35.55
CA ALA A 399 24.67 -12.20 -36.59
C ALA A 399 25.29 -12.54 -37.94
N ASP A 400 26.41 -13.27 -37.91
CA ASP A 400 27.04 -13.74 -39.13
C ASP A 400 26.17 -14.79 -39.81
N ALA A 401 25.44 -15.57 -39.02
CA ALA A 401 24.77 -16.75 -39.53
C ALA A 401 23.53 -16.37 -40.34
N LYS A 402 22.75 -15.43 -39.82
CA LYS A 402 21.50 -15.07 -40.47
C LYS A 402 21.78 -14.39 -41.81
N GLU A 403 22.66 -13.41 -41.80
CA GLU A 403 23.05 -12.74 -43.03
C GLU A 403 23.32 -13.77 -44.12
N ASN A 404 24.27 -14.67 -43.85
CA ASN A 404 24.66 -15.71 -44.79
C ASN A 404 23.47 -16.50 -45.32
N LEU A 405 22.30 -16.30 -44.74
CA LEU A 405 21.05 -16.77 -45.36
C LEU A 405 20.50 -15.72 -46.33
N LYS A 406 21.41 -15.14 -47.13
CA LYS A 406 21.10 -14.46 -48.39
C LYS A 406 21.15 -15.44 -49.56
N VAL A 407 22.12 -16.34 -49.52
CA VAL A 407 22.15 -17.49 -50.43
C VAL A 407 21.18 -18.56 -49.98
N SER A 408 21.17 -19.68 -50.70
CA SER A 408 20.15 -20.73 -50.54
C SER A 408 18.91 -20.27 -49.78
N TYR A 409 18.43 -19.06 -50.12
CA TYR A 409 17.10 -18.61 -49.72
C TYR A 409 16.88 -17.12 -50.03
N ASP A 410 15.70 -16.63 -49.68
CA ASP A 410 15.38 -15.21 -49.81
C ASP A 410 14.58 -14.74 -48.60
N PHE A 411 14.67 -15.51 -47.51
CA PHE A 411 13.89 -15.23 -46.31
C PHE A 411 14.27 -13.87 -45.73
N THR A 412 13.38 -13.30 -44.92
CA THR A 412 13.62 -12.01 -44.31
C THR A 412 14.25 -12.21 -42.93
N GLU A 413 14.55 -11.11 -42.25
CA GLU A 413 15.05 -11.23 -40.88
C GLU A 413 14.11 -12.09 -40.04
N GLU A 414 12.93 -11.56 -39.72
CA GLU A 414 11.97 -12.33 -38.94
C GLU A 414 11.82 -13.74 -39.50
N GLN A 415 12.04 -13.89 -40.82
CA GLN A 415 12.17 -15.20 -41.44
C GLN A 415 13.40 -15.91 -40.88
N ALA A 416 14.54 -15.23 -40.97
CA ALA A 416 15.84 -15.80 -40.60
C ALA A 416 15.90 -16.09 -39.11
N GLU A 417 15.58 -15.09 -38.31
CA GLU A 417 15.55 -15.24 -36.85
C GLU A 417 15.25 -16.69 -36.44
N ALA A 418 13.98 -17.05 -36.37
CA ALA A 418 13.58 -18.30 -35.74
C ALA A 418 14.28 -19.50 -36.40
N ILE A 419 14.71 -19.31 -37.65
CA ILE A 419 15.45 -20.36 -38.33
C ILE A 419 16.78 -20.58 -37.64
N VAL A 420 17.27 -19.56 -36.94
CA VAL A 420 18.51 -19.65 -36.17
C VAL A 420 18.24 -19.70 -34.68
N THR A 421 17.17 -19.04 -34.23
CA THR A 421 16.82 -19.11 -32.82
C THR A 421 16.29 -20.48 -32.45
N LEU A 422 16.03 -21.31 -33.46
CA LEU A 422 15.51 -22.65 -33.23
C LEU A 422 16.29 -23.31 -32.10
N GLN A 423 15.88 -24.51 -31.69
CA GLN A 423 16.72 -25.35 -30.83
C GLN A 423 16.76 -26.81 -31.29
N LEU A 424 17.85 -27.50 -31.01
CA LEU A 424 18.07 -28.83 -31.60
C LEU A 424 16.91 -29.81 -31.32
N TYR A 425 16.09 -29.51 -30.31
CA TYR A 425 14.81 -30.20 -30.20
C TYR A 425 14.09 -30.17 -31.55
N ARG A 426 13.57 -28.99 -31.87
CA ARG A 426 12.73 -28.80 -33.06
C ARG A 426 13.43 -29.21 -34.36
N LEU A 427 14.74 -29.45 -34.34
CA LEU A 427 15.37 -29.99 -35.54
C LEU A 427 14.73 -31.33 -35.84
N THR A 428 13.97 -31.87 -34.88
CA THR A 428 13.05 -32.97 -35.13
C THR A 428 11.81 -32.48 -35.88
N ASN A 429 11.99 -31.52 -36.80
CA ASN A 429 10.86 -30.74 -37.33
C ASN A 429 9.72 -31.63 -37.81
N THR A 430 8.98 -32.17 -36.83
CA THR A 430 7.84 -33.03 -37.07
C THR A 430 6.76 -32.30 -37.86
N ASP A 431 6.79 -30.98 -37.81
CA ASP A 431 5.80 -30.15 -38.49
C ASP A 431 5.91 -30.28 -40.00
N VAL A 432 6.80 -31.13 -40.47
CA VAL A 432 6.95 -31.37 -41.90
C VAL A 432 5.59 -31.17 -42.60
N VAL A 433 4.59 -31.86 -42.07
CA VAL A 433 3.26 -31.88 -42.69
C VAL A 433 2.31 -30.94 -41.98
N VAL A 434 2.48 -30.80 -40.66
CA VAL A 434 1.68 -29.85 -39.89
C VAL A 434 1.85 -28.43 -40.43
N LEU A 435 3.03 -27.86 -40.23
CA LEU A 435 3.27 -26.48 -40.65
C LEU A 435 2.55 -26.17 -41.96
N GLN A 436 2.60 -27.11 -42.90
CA GLN A 436 1.80 -27.00 -44.12
C GLN A 436 0.36 -26.65 -43.77
N GLU A 437 -0.16 -27.33 -42.74
CA GLU A 437 -1.54 -27.19 -42.33
C GLU A 437 -1.79 -25.82 -41.73
N GLU A 438 -0.82 -25.33 -40.96
CA GLU A 438 -0.87 -24.00 -40.37
C GLU A 438 -1.07 -22.91 -41.42
N GLU A 439 -0.28 -22.98 -42.49
CA GLU A 439 -0.39 -22.04 -43.59
C GLU A 439 -1.84 -21.74 -43.95
N ALA A 440 -2.73 -22.69 -43.69
CA ALA A 440 -4.14 -22.51 -43.99
C ALA A 440 -4.92 -22.13 -42.74
N GLU A 441 -4.53 -22.73 -41.61
CA GLU A 441 -5.14 -22.38 -40.33
C GLU A 441 -5.04 -20.88 -40.08
N LEU A 442 -3.80 -20.39 -40.03
CA LEU A 442 -3.54 -18.99 -39.72
C LEU A 442 -3.90 -18.08 -40.89
N ARG A 443 -4.05 -18.65 -42.09
CA ARG A 443 -4.42 -17.83 -43.24
C ARG A 443 -5.94 -17.65 -43.31
N GLU A 444 -6.66 -18.54 -42.65
CA GLU A 444 -8.11 -18.40 -42.54
C GLU A 444 -8.42 -17.17 -41.67
N LYS A 445 -7.89 -17.17 -40.45
CA LYS A 445 -8.13 -16.07 -39.52
C LYS A 445 -7.70 -14.74 -40.12
N ILE A 446 -6.63 -14.75 -40.90
CA ILE A 446 -6.18 -13.53 -41.55
C ILE A 446 -7.07 -13.18 -42.74
N ALA A 447 -7.94 -14.11 -43.09
CA ALA A 447 -8.97 -13.87 -44.11
C ALA A 447 -10.20 -13.23 -43.47
N MET A 448 -10.59 -13.76 -42.31
CA MET A 448 -11.71 -13.22 -41.54
C MET A 448 -11.37 -11.83 -41.01
N LEU A 449 -10.44 -11.77 -40.07
CA LEU A 449 -10.10 -10.51 -39.41
C LEU A 449 -10.04 -9.35 -40.41
N ALA A 450 -9.22 -9.49 -41.45
CA ALA A 450 -9.11 -8.43 -42.45
C ALA A 450 -10.46 -8.16 -43.11
N ALA A 451 -11.35 -9.14 -43.06
CA ALA A 451 -12.69 -9.00 -43.61
C ALA A 451 -13.57 -8.15 -42.70
N ILE A 452 -13.38 -8.28 -41.39
CA ILE A 452 -14.02 -7.38 -40.44
C ILE A 452 -13.62 -5.93 -40.72
N ILE A 453 -12.62 -5.74 -41.57
CA ILE A 453 -12.02 -4.43 -41.76
C ILE A 453 -12.80 -3.59 -42.78
N GLY A 454 -13.35 -4.24 -43.79
CA GLY A 454 -14.16 -3.56 -44.77
C GLY A 454 -15.65 -3.79 -44.55
N ASP A 455 -15.95 -4.83 -43.79
CA ASP A 455 -17.32 -5.33 -43.64
C ASP A 455 -18.05 -4.62 -42.52
N GLU A 456 -18.60 -3.45 -42.84
CA GLU A 456 -19.38 -2.67 -41.88
C GLU A 456 -20.50 -3.50 -41.29
N ARG A 457 -21.12 -4.34 -42.12
CA ARG A 457 -22.30 -5.09 -41.71
C ARG A 457 -21.95 -6.29 -40.85
N THR A 458 -20.89 -7.01 -41.22
CA THR A 458 -20.41 -8.11 -40.41
C THR A 458 -19.96 -7.61 -39.04
N MET A 459 -19.33 -6.44 -39.03
CA MET A 459 -18.78 -5.86 -37.80
C MET A 459 -19.80 -5.89 -36.67
N TYR A 460 -20.96 -5.28 -36.93
CA TYR A 460 -22.00 -5.12 -35.90
C TYR A 460 -22.51 -6.49 -35.42
N ASN A 461 -22.54 -7.45 -36.33
CA ASN A 461 -22.93 -8.81 -35.99
C ASN A 461 -22.04 -9.42 -34.90
N LEU A 462 -20.75 -9.06 -34.94
CA LEU A 462 -19.87 -9.21 -33.78
C LEU A 462 -20.48 -8.52 -32.56
N MET A 463 -20.42 -7.19 -32.55
CA MET A 463 -20.80 -6.43 -31.36
C MET A 463 -22.14 -6.89 -30.78
N LYS A 464 -22.94 -7.56 -31.62
CA LYS A 464 -24.18 -8.17 -31.16
C LYS A 464 -23.90 -9.42 -30.33
N LYS A 465 -23.44 -10.47 -31.01
CA LYS A 465 -23.19 -11.77 -30.38
C LYS A 465 -22.49 -11.60 -29.03
N GLU A 466 -21.58 -10.64 -28.94
CA GLU A 466 -20.87 -10.35 -27.70
C GLU A 466 -21.83 -9.77 -26.66
N LEU A 467 -22.47 -8.66 -27.01
CA LEU A 467 -23.33 -7.94 -26.08
C LEU A 467 -24.45 -8.86 -25.59
N ARG A 468 -25.01 -9.64 -26.51
CA ARG A 468 -25.95 -10.71 -26.19
C ARG A 468 -25.30 -11.63 -25.17
N GLU A 469 -23.99 -11.87 -25.34
CA GLU A 469 -23.27 -12.84 -24.54
C GLU A 469 -23.30 -12.46 -23.07
N VAL A 470 -22.99 -11.19 -22.78
CA VAL A 470 -23.05 -10.68 -21.41
C VAL A 470 -24.49 -10.63 -20.94
N LYS A 471 -25.36 -10.11 -21.83
CA LYS A 471 -26.81 -10.14 -21.61
C LYS A 471 -27.19 -11.41 -20.85
N LYS A 472 -26.49 -12.49 -21.17
CA LYS A 472 -26.87 -13.83 -20.71
C LYS A 472 -26.06 -14.21 -19.48
N LYS A 473 -24.74 -14.32 -19.65
CA LYS A 473 -23.88 -14.70 -18.53
C LYS A 473 -24.10 -13.75 -17.36
N PHE A 474 -23.49 -12.58 -17.45
CA PHE A 474 -23.60 -11.57 -16.40
C PHE A 474 -24.93 -10.83 -16.53
N ALA A 475 -25.97 -11.56 -16.86
CA ALA A 475 -27.30 -10.96 -17.04
C ALA A 475 -28.06 -10.80 -15.73
N THR A 476 -28.86 -9.74 -15.63
CA THR A 476 -29.55 -9.43 -14.38
C THR A 476 -31.05 -9.57 -14.55
N PRO A 477 -31.75 -9.92 -13.45
CA PRO A 477 -33.22 -10.03 -13.43
C PRO A 477 -33.93 -8.74 -13.86
N ARG A 478 -34.66 -8.15 -12.92
CA ARG A 478 -35.31 -6.85 -13.13
C ARG A 478 -35.53 -6.14 -11.80
N LEU A 479 -35.76 -4.83 -11.87
CA LEU A 479 -36.22 -4.08 -10.70
C LEU A 479 -36.56 -2.62 -11.07
N GLN B 5 -23.24 -27.33 20.72
CA GLN B 5 -23.14 -27.46 22.17
C GLN B 5 -22.13 -26.47 22.75
N ASN B 6 -22.61 -25.65 23.69
CA ASN B 6 -21.80 -24.57 24.25
C ASN B 6 -20.61 -25.11 25.06
N MET B 7 -19.98 -26.15 24.55
CA MET B 7 -19.16 -27.05 25.36
C MET B 7 -17.91 -26.37 25.94
N SER B 8 -17.01 -27.21 26.46
CA SER B 8 -15.65 -26.81 26.80
C SER B 8 -15.63 -25.66 27.81
N LEU B 9 -16.03 -25.94 29.05
CA LEU B 9 -15.77 -25.02 30.15
C LEU B 9 -14.32 -25.20 30.64
N GLU B 10 -13.69 -24.12 31.08
CA GLU B 10 -12.24 -24.15 31.34
C GLU B 10 -11.85 -23.29 32.52
N ASP B 11 -10.71 -23.60 33.12
CA ASP B 11 -10.21 -22.86 34.27
C ASP B 11 -9.57 -21.54 33.84
N ILE B 12 -9.99 -20.43 34.45
CA ILE B 12 -9.22 -19.18 34.36
C ILE B 12 -7.82 -19.38 34.94
N MET B 13 -7.66 -20.41 35.77
CA MET B 13 -6.35 -21.00 36.02
C MET B 13 -5.86 -21.68 34.75
N GLY B 14 -6.80 -22.01 33.87
CA GLY B 14 -6.49 -22.64 32.61
C GLY B 14 -6.24 -21.63 31.51
N GLU B 15 -7.28 -20.86 31.18
CA GLU B 15 -7.28 -20.02 29.98
C GLU B 15 -6.29 -18.87 30.10
N ARG B 16 -6.14 -18.30 31.28
CA ARG B 16 -5.20 -17.19 31.46
C ARG B 16 -3.75 -17.68 31.55
N PHE B 17 -3.57 -19.00 31.60
CA PHE B 17 -2.24 -19.57 31.51
C PHE B 17 -1.87 -19.79 30.04
N GLY B 18 -2.88 -20.13 29.24
CA GLY B 18 -2.65 -20.61 27.87
C GLY B 18 -2.60 -19.48 26.86
N ARG B 19 -3.49 -18.51 27.01
CA ARG B 19 -3.43 -17.30 26.19
C ARG B 19 -2.14 -16.53 26.46
N TYR B 20 -1.93 -16.16 27.71
CA TYR B 20 -0.77 -15.37 28.11
C TYR B 20 0.53 -16.05 27.68
N SER B 21 0.47 -17.34 27.42
CA SER B 21 1.64 -18.05 26.91
C SER B 21 1.90 -17.64 25.47
N LYS B 22 0.91 -17.83 24.61
CA LYS B 22 1.00 -17.35 23.24
C LYS B 22 1.59 -15.95 23.21
N TYR B 23 1.10 -15.06 24.05
CA TYR B 23 1.43 -13.64 23.92
C TYR B 23 2.88 -13.35 24.30
N ILE B 24 3.45 -14.23 25.12
CA ILE B 24 4.80 -14.03 25.65
C ILE B 24 5.88 -14.52 24.67
N ILE B 25 5.53 -15.48 23.82
CA ILE B 25 6.44 -15.84 22.74
C ILE B 25 6.31 -14.80 21.62
N GLN B 26 5.33 -13.93 21.72
CA GLN B 26 5.30 -12.71 20.93
C GLN B 26 6.15 -11.62 21.59
N ASP B 27 7.06 -12.02 22.44
CA ASP B 27 8.09 -11.11 22.95
C ASP B 27 9.48 -11.71 22.63
N ARG B 28 9.52 -12.58 21.61
CA ARG B 28 10.71 -12.82 20.79
C ARG B 28 10.59 -12.11 19.44
N ALA B 29 9.62 -11.18 19.30
CA ALA B 29 9.76 -10.03 18.40
C ALA B 29 10.67 -8.98 19.02
N LEU B 30 11.90 -9.39 19.32
CA LEU B 30 12.95 -8.52 19.83
C LEU B 30 14.30 -8.84 19.18
N PRO B 31 15.11 -7.81 18.97
CA PRO B 31 16.38 -7.87 18.23
C PRO B 31 17.19 -9.12 18.49
N ASP B 32 17.65 -9.78 17.43
CA ASP B 32 18.44 -11.00 17.56
C ASP B 32 19.93 -10.69 17.76
N ILE B 33 20.63 -11.59 18.43
CA ILE B 33 22.03 -11.35 18.77
C ILE B 33 22.90 -11.28 17.51
N ARG B 34 22.29 -11.53 16.36
CA ARG B 34 23.04 -11.63 15.11
C ARG B 34 22.70 -10.51 14.11
N ASP B 35 21.54 -10.62 13.48
CA ASP B 35 21.03 -9.55 12.63
C ASP B 35 20.91 -8.26 13.44
N GLY B 36 20.38 -8.37 14.65
CA GLY B 36 20.03 -7.20 15.42
C GLY B 36 18.91 -6.46 14.72
N LEU B 37 18.13 -7.20 13.94
CA LEU B 37 16.90 -6.68 13.36
C LEU B 37 15.69 -7.34 14.03
N LYS B 38 14.82 -6.53 14.60
CA LYS B 38 13.61 -7.04 15.22
C LYS B 38 12.51 -7.16 14.17
N PRO B 39 11.96 -8.37 14.00
CA PRO B 39 11.25 -8.85 12.79
C PRO B 39 10.54 -7.74 12.01
N VAL B 40 9.69 -6.97 12.67
CA VAL B 40 9.02 -5.85 12.01
C VAL B 40 10.02 -5.00 11.24
N GLN B 41 11.29 -5.09 11.64
CA GLN B 41 12.40 -4.53 10.88
C GLN B 41 12.85 -5.52 9.80
N ARG B 42 13.42 -6.64 10.22
CA ARG B 42 13.93 -7.62 9.25
C ARG B 42 13.09 -7.60 7.99
N ARG B 43 11.78 -7.58 8.16
CA ARG B 43 10.86 -7.84 7.05
C ARG B 43 10.74 -6.65 6.09
N ILE B 44 10.87 -5.43 6.64
CA ILE B 44 10.82 -4.25 5.79
C ILE B 44 12.14 -4.08 5.02
N LEU B 45 13.25 -4.56 5.58
CA LEU B 45 14.49 -4.52 4.81
C LEU B 45 14.48 -5.57 3.70
N TYR B 46 13.71 -6.64 3.84
CA TYR B 46 13.75 -7.67 2.81
C TYR B 46 12.77 -7.31 1.70
N SER B 47 11.63 -6.75 2.07
CA SER B 47 10.59 -6.48 1.08
C SER B 47 11.03 -5.32 0.20
N MET B 48 11.92 -4.48 0.74
CA MET B 48 12.48 -3.37 -0.02
C MET B 48 13.58 -3.90 -0.93
N ASN B 49 14.17 -5.03 -0.54
CA ASN B 49 15.01 -5.82 -1.43
C ASN B 49 14.20 -6.45 -2.54
N LYS B 50 13.75 -7.68 -2.29
CA LYS B 50 12.96 -8.45 -3.26
C LYS B 50 12.36 -7.57 -4.37
N ASP B 51 12.01 -6.33 -4.03
CA ASP B 51 11.34 -5.49 -5.01
C ASP B 51 12.33 -4.59 -5.74
N SER B 52 13.61 -4.74 -5.45
CA SER B 52 14.66 -4.01 -6.15
C SER B 52 14.64 -2.51 -5.81
N ASN B 53 15.18 -2.17 -4.64
CA ASN B 53 15.47 -0.79 -4.27
C ASN B 53 16.81 -0.66 -3.54
N ASP B 56 19.91 1.86 -5.08
CA ASP B 56 20.62 2.44 -6.22
C ASP B 56 19.68 2.98 -7.27
N LYS B 57 18.45 2.46 -7.30
CA LYS B 57 17.42 2.94 -8.20
C LYS B 57 16.76 4.21 -7.68
N SER B 58 15.62 4.57 -8.27
CA SER B 58 14.93 5.82 -7.93
C SER B 58 14.18 5.69 -6.62
N TYR B 59 13.68 6.80 -6.11
CA TYR B 59 12.94 6.79 -4.85
C TYR B 59 11.51 6.29 -5.08
N ARG B 60 11.21 5.09 -4.59
CA ARG B 60 9.86 4.53 -4.71
C ARG B 60 8.95 5.09 -3.62
N LYS B 61 7.71 5.42 -3.98
CA LYS B 61 6.85 6.13 -3.03
C LYS B 61 6.97 5.51 -1.64
N SER B 62 5.87 5.43 -0.91
CA SER B 62 5.80 4.58 0.28
C SER B 62 4.61 3.63 0.20
N ALA B 63 3.42 4.19 0.22
CA ALA B 63 2.19 3.42 0.09
C ALA B 63 2.47 2.05 -0.52
N LYS B 64 3.03 2.05 -1.72
CA LYS B 64 3.39 0.80 -2.39
C LYS B 64 4.39 0.01 -1.53
N SER B 65 5.36 0.71 -0.98
CA SER B 65 6.47 0.05 -0.29
C SER B 65 5.97 -0.62 0.98
N VAL B 66 5.18 0.12 1.76
CA VAL B 66 4.65 -0.39 3.02
C VAL B 66 3.55 -1.38 2.72
N GLY B 67 2.61 -1.00 1.87
CA GLY B 67 1.60 -1.91 1.37
C GLY B 67 2.22 -3.27 1.11
N ASN B 68 3.26 -3.29 0.29
CA ASN B 68 3.92 -4.53 -0.07
C ASN B 68 4.61 -5.22 1.11
N ILE B 69 5.28 -4.46 1.97
CA ILE B 69 5.71 -5.02 3.24
C ILE B 69 4.50 -5.60 4.00
N MET B 70 3.36 -4.91 3.90
CA MET B 70 2.27 -5.07 4.87
C MET B 70 1.29 -6.20 4.52
N GLY B 71 1.49 -6.84 3.37
CA GLY B 71 0.57 -7.84 2.92
C GLY B 71 1.29 -9.05 2.35
N ASN B 72 2.58 -9.16 2.68
CA ASN B 72 3.35 -10.34 2.31
C ASN B 72 4.22 -10.87 3.45
N PHE B 73 4.48 -10.05 4.47
CA PHE B 73 5.46 -10.42 5.47
C PHE B 73 5.07 -9.94 6.86
N HIS B 74 3.93 -9.28 6.95
CA HIS B 74 3.53 -8.59 8.17
C HIS B 74 2.01 -8.40 8.15
N PRO B 75 1.28 -9.22 8.92
CA PRO B 75 -0.18 -9.09 9.04
C PRO B 75 -0.60 -7.79 9.70
N HIS B 76 0.24 -7.28 10.61
CA HIS B 76 -0.13 -6.20 11.51
C HIS B 76 -0.45 -4.86 10.82
N GLY B 77 -0.45 -3.78 11.59
CA GLY B 77 -0.98 -2.51 11.11
C GLY B 77 -0.21 -2.05 9.90
N ASP B 78 -0.82 -1.18 9.09
CA ASP B 78 -0.08 -0.35 8.14
C ASP B 78 0.87 0.61 8.88
N SER B 79 0.31 1.58 9.58
CA SER B 79 1.13 2.66 10.15
C SER B 79 2.02 2.12 11.24
N SER B 80 1.63 1.00 11.85
CA SER B 80 2.52 0.21 12.71
C SER B 80 3.77 -0.23 11.92
N ILE B 81 3.54 -0.72 10.69
CA ILE B 81 4.65 -1.10 9.83
C ILE B 81 5.45 0.12 9.47
N TYR B 82 4.93 0.92 8.55
CA TYR B 82 5.64 2.09 8.02
C TYR B 82 6.23 2.98 9.12
N ASP B 83 5.40 3.34 10.08
CA ASP B 83 5.83 4.12 11.23
C ASP B 83 7.23 3.66 11.68
N ALA B 84 7.36 2.35 11.91
CA ALA B 84 8.62 1.77 12.32
C ALA B 84 9.68 2.03 11.26
N MET B 85 9.26 2.05 10.01
CA MET B 85 10.18 2.32 8.89
C MET B 85 10.78 3.72 9.01
N VAL B 86 9.93 4.74 8.98
CA VAL B 86 10.38 6.09 9.31
C VAL B 86 11.50 6.02 10.34
N ARG B 87 11.25 5.27 11.41
CA ARG B 87 12.21 5.13 12.49
C ARG B 87 13.61 4.84 11.94
N MET B 88 13.68 3.93 10.98
CA MET B 88 14.96 3.54 10.41
C MET B 88 15.47 4.60 9.44
N SER B 89 14.68 5.65 9.24
CA SER B 89 15.07 6.71 8.32
C SER B 89 15.87 7.78 9.06
N GLN B 90 15.69 7.81 10.39
CA GLN B 90 16.15 8.92 11.22
C GLN B 90 17.64 8.79 11.54
N ASN B 91 18.46 9.55 10.81
CA ASN B 91 19.91 9.49 10.97
C ASN B 91 20.29 9.68 12.43
N TRP B 92 19.61 10.61 13.09
CA TRP B 92 19.81 10.86 14.52
C TRP B 92 19.02 9.87 15.37
N LYS B 93 18.94 8.63 14.89
CA LYS B 93 18.38 7.54 15.69
C LYS B 93 19.31 6.33 15.62
N ASN B 94 19.88 6.09 14.45
CA ASN B 94 20.88 5.04 14.29
C ASN B 94 22.24 5.62 13.90
N ARG B 95 23.24 4.76 13.74
CA ARG B 95 24.53 5.19 13.19
C ARG B 95 24.54 5.05 11.67
N GLU B 96 24.47 3.81 11.18
CA GLU B 96 24.12 3.57 9.78
C GLU B 96 22.61 3.50 9.64
N ILE B 97 22.04 4.51 8.96
CA ILE B 97 20.61 4.56 8.70
C ILE B 97 20.21 3.52 7.65
N LEU B 98 19.54 2.46 8.07
CA LEU B 98 19.36 1.29 7.22
C LEU B 98 18.21 1.51 6.25
N VAL B 99 17.84 2.77 6.02
CA VAL B 99 16.92 3.15 4.95
C VAL B 99 16.89 4.66 4.81
N GLU B 100 17.15 5.15 3.60
CA GLU B 100 17.11 6.58 3.31
C GLU B 100 15.78 6.96 2.66
N MET B 101 15.11 7.95 3.22
CA MET B 101 13.89 8.49 2.63
C MET B 101 14.08 9.96 2.31
N HIS B 102 13.04 10.59 1.79
CA HIS B 102 13.06 12.00 1.48
C HIS B 102 11.64 12.57 1.60
N GLY B 103 11.46 13.58 2.44
CA GLY B 103 10.24 14.36 2.45
C GLY B 103 9.74 14.71 3.85
N ASN B 104 10.66 15.10 4.73
CA ASN B 104 10.31 15.33 6.12
C ASN B 104 10.40 14.05 6.94
N ASN B 105 11.63 13.54 7.08
CA ASN B 105 11.89 12.42 8.00
C ASN B 105 11.33 12.76 9.36
N GLY B 106 11.81 13.86 9.94
CA GLY B 106 11.27 14.40 11.18
C GLY B 106 12.35 15.04 12.04
N SER B 107 12.09 16.28 12.46
CA SER B 107 13.06 17.04 13.23
C SER B 107 13.43 16.35 14.54
N MET B 108 14.60 16.67 15.09
CA MET B 108 14.87 16.41 16.50
C MET B 108 13.99 17.34 17.34
N ASP B 109 13.27 18.22 16.65
CA ASP B 109 12.51 19.29 17.29
C ASP B 109 11.04 18.88 17.48
N GLY B 110 10.82 17.61 17.80
CA GLY B 110 9.47 17.08 17.90
C GLY B 110 8.70 17.32 16.61
N ASP B 111 9.02 16.53 15.58
CA ASP B 111 8.35 16.65 14.30
C ASP B 111 7.58 15.38 13.95
N PRO B 112 6.24 15.45 13.97
CA PRO B 112 5.38 14.43 13.33
C PRO B 112 5.71 14.30 11.85
N PRO B 113 6.15 13.10 11.42
CA PRO B 113 6.35 12.78 10.01
C PRO B 113 5.03 12.53 9.31
N ALA B 114 4.97 12.72 7.99
CA ALA B 114 3.71 12.62 7.27
C ALA B 114 3.41 11.21 6.79
N ALA B 115 2.12 10.90 6.65
CA ALA B 115 1.68 9.54 6.36
C ALA B 115 2.37 9.00 5.13
N MET B 116 2.03 7.77 4.77
CA MET B 116 2.60 7.12 3.59
C MET B 116 2.37 7.94 2.32
N ARG B 117 1.45 8.91 2.39
CA ARG B 117 0.89 9.56 1.21
C ARG B 117 1.89 10.53 0.59
N TYR B 118 3.00 10.76 1.29
CA TYR B 118 3.90 11.85 0.99
C TYR B 118 5.34 11.36 0.87
N THR B 119 5.75 10.51 1.81
CA THR B 119 7.16 10.09 1.91
C THR B 119 7.53 9.17 0.77
N GLU B 120 8.71 9.41 0.18
CA GLU B 120 9.31 8.48 -0.76
C GLU B 120 10.60 7.95 -0.17
N ALA B 121 10.84 6.64 -0.25
CA ALA B 121 12.04 6.08 0.36
C ALA B 121 12.73 5.04 -0.52
N ARG B 122 13.75 4.38 0.03
CA ARG B 122 14.66 3.56 -0.76
C ARG B 122 15.71 2.94 0.15
N LEU B 123 16.21 1.76 -0.19
CA LEU B 123 17.18 1.10 0.68
C LEU B 123 18.52 1.84 0.67
N SER B 124 19.17 1.91 1.83
CA SER B 124 20.29 2.83 2.04
C SER B 124 21.63 2.14 1.85
N GLU B 125 22.70 2.93 1.77
CA GLU B 125 24.02 2.39 1.47
C GLU B 125 24.36 1.19 2.37
N ILE B 126 24.90 1.49 3.55
CA ILE B 126 25.13 0.47 4.56
C ILE B 126 23.95 -0.48 4.60
N ALA B 127 22.76 0.06 4.36
CA ALA B 127 21.55 -0.72 4.16
C ALA B 127 21.81 -1.98 3.32
N GLY B 128 22.33 -1.79 2.10
CA GLY B 128 22.81 -2.90 1.31
C GLY B 128 23.39 -4.00 2.18
N TYR B 129 24.58 -3.73 2.71
CA TYR B 129 25.26 -4.65 3.61
C TYR B 129 24.38 -5.83 4.04
N LEU B 130 23.62 -5.64 5.12
CA LEU B 130 22.96 -6.75 5.79
C LEU B 130 22.30 -7.73 4.79
N LEU B 131 21.53 -7.18 3.86
CA LEU B 131 20.83 -8.01 2.89
C LEU B 131 21.77 -8.44 1.77
N GLN B 132 23.06 -8.48 2.07
CA GLN B 132 24.07 -8.62 1.02
C GLN B 132 24.52 -10.08 0.85
N ASP B 133 23.55 -10.97 0.61
CA ASP B 133 23.87 -12.35 0.31
C ASP B 133 22.70 -13.30 0.62
N ILE B 134 21.54 -12.72 0.94
CA ILE B 134 20.27 -13.45 0.86
C ILE B 134 20.23 -14.22 -0.46
N GLU B 135 20.74 -13.57 -1.50
CA GLU B 135 20.71 -14.10 -2.86
C GLU B 135 20.76 -15.63 -2.86
N LYS B 136 21.87 -16.18 -2.37
CA LYS B 136 22.06 -17.62 -2.37
C LYS B 136 21.43 -18.25 -1.14
N LYS B 137 21.55 -19.57 -1.01
CA LYS B 137 21.06 -20.30 0.15
C LYS B 137 21.89 -19.99 1.39
N THR B 138 22.02 -18.71 1.70
CA THR B 138 22.78 -18.26 2.85
C THR B 138 22.04 -18.54 4.16
N VAL B 139 21.46 -17.50 4.75
CA VAL B 139 20.67 -17.66 5.96
C VAL B 139 19.40 -18.46 5.67
N PRO B 140 18.93 -19.24 6.65
CA PRO B 140 17.82 -20.19 6.46
C PRO B 140 16.44 -19.53 6.47
N PHE B 141 15.75 -19.58 5.33
CA PHE B 141 14.49 -18.85 5.15
C PHE B 141 13.29 -19.74 5.45
N ALA B 142 12.26 -19.12 6.03
CA ALA B 142 11.06 -19.84 6.47
C ALA B 142 9.84 -19.49 5.62
N TRP B 143 8.64 -19.73 6.16
CA TRP B 143 7.43 -19.59 5.34
C TRP B 143 6.72 -18.25 5.55
N ASN B 144 5.98 -17.82 4.54
CA ASN B 144 5.05 -16.70 4.65
C ASN B 144 3.93 -17.03 5.63
N PHE B 145 3.20 -16.02 6.11
CA PHE B 145 2.01 -16.30 6.90
C PHE B 145 0.83 -16.69 6.02
N ASP B 146 0.58 -15.91 4.97
CA ASP B 146 -0.34 -16.32 3.91
C ASP B 146 0.09 -17.66 3.32
N ASP B 147 1.36 -18.01 3.54
CA ASP B 147 1.95 -19.20 2.92
C ASP B 147 2.17 -18.98 1.43
N THR B 148 2.43 -17.73 1.06
CA THR B 148 2.62 -17.36 -0.34
C THR B 148 4.11 -17.37 -0.69
N GLU B 149 4.79 -16.25 -0.43
CA GLU B 149 6.24 -16.21 -0.57
C GLU B 149 6.86 -16.95 0.60
N LYS B 150 8.19 -16.98 0.66
CA LYS B 150 8.89 -17.34 1.91
C LYS B 150 9.62 -16.15 2.52
N GLU B 151 9.82 -16.18 3.84
CA GLU B 151 10.48 -15.10 4.53
C GLU B 151 11.70 -15.60 5.31
N PRO B 152 12.77 -14.79 5.36
CA PRO B 152 14.03 -15.16 6.01
C PRO B 152 13.97 -14.99 7.52
N THR B 153 14.62 -15.90 8.24
CA THR B 153 14.70 -15.85 9.71
C THR B 153 16.03 -15.26 10.18
N VAL B 154 16.18 -13.94 10.01
CA VAL B 154 17.44 -13.27 10.30
C VAL B 154 18.33 -13.12 9.08
N LEU B 155 18.33 -11.92 8.50
CA LEU B 155 19.15 -11.56 7.35
C LEU B 155 20.62 -11.63 7.73
N PRO B 156 21.51 -12.15 6.84
CA PRO B 156 22.81 -12.70 7.23
C PRO B 156 23.77 -11.64 7.78
N ALA B 157 23.85 -10.49 7.10
CA ALA B 157 24.38 -9.26 7.69
C ALA B 157 25.89 -9.08 7.47
N ALA B 158 26.26 -8.03 6.73
CA ALA B 158 27.64 -7.57 6.69
C ALA B 158 27.95 -6.71 7.92
N PHE B 159 27.29 -5.56 7.99
CA PHE B 159 27.52 -4.58 9.04
C PHE B 159 26.85 -4.99 10.34
N PRO B 160 27.63 -5.09 11.43
CA PRO B 160 27.20 -5.64 12.71
C PRO B 160 26.07 -4.88 13.41
N ASN B 161 25.00 -4.61 12.65
CA ASN B 161 23.87 -3.83 13.14
C ASN B 161 23.65 -3.98 14.65
N LEU B 162 24.11 -5.08 15.22
CA LEU B 162 23.67 -5.50 16.55
C LEU B 162 24.23 -4.60 17.65
N LEU B 163 25.53 -4.34 17.58
CA LEU B 163 26.20 -3.50 18.57
C LEU B 163 26.61 -2.16 17.96
N VAL B 164 26.39 -2.04 16.65
CA VAL B 164 26.54 -0.76 15.97
C VAL B 164 25.22 0.01 16.00
N ASN B 165 24.18 -0.65 16.50
CA ASN B 165 22.87 -0.01 16.68
C ASN B 165 22.26 -0.32 18.04
N THR B 176 15.38 -4.68 27.05
CA THR B 176 16.42 -4.85 26.02
C THR B 176 16.80 -3.50 25.41
N ASP B 177 18.03 -3.07 25.68
CA ASP B 177 18.59 -1.86 25.08
C ASP B 177 20.07 -2.02 24.74
N ILE B 178 20.44 -1.60 23.53
CA ILE B 178 21.82 -1.66 23.08
C ILE B 178 22.14 -0.41 22.26
N PRO B 179 23.02 0.45 22.80
CA PRO B 179 23.31 1.77 22.22
C PRO B 179 24.38 1.70 21.13
N PRO B 180 24.34 2.65 20.18
CA PRO B 180 25.25 2.71 19.03
C PRO B 180 26.70 2.49 19.46
N HIS B 181 27.54 2.00 18.54
CA HIS B 181 28.95 1.81 18.87
C HIS B 181 29.88 2.02 17.67
N ASN B 182 29.31 2.39 16.52
CA ASN B 182 30.11 2.88 15.41
C ASN B 182 30.82 1.75 14.64
N LEU B 183 30.40 1.54 13.39
CA LEU B 183 31.01 0.53 12.54
C LEU B 183 32.53 0.51 12.74
N ALA B 184 33.09 1.70 12.93
CA ALA B 184 34.53 1.86 13.05
C ALA B 184 35.11 0.98 14.16
N GLU B 185 34.66 1.19 15.39
CA GLU B 185 35.18 0.42 16.51
C GLU B 185 34.76 -1.05 16.41
N VAL B 186 33.59 -1.30 15.83
CA VAL B 186 32.97 -2.62 15.91
C VAL B 186 33.71 -3.65 15.07
N ILE B 187 33.87 -3.39 13.78
CA ILE B 187 34.57 -4.33 12.91
C ILE B 187 36.05 -4.39 13.29
N ASP B 188 36.50 -3.37 14.00
CA ASP B 188 37.89 -3.32 14.47
C ASP B 188 38.13 -4.39 15.55
N ALA B 189 37.29 -4.38 16.58
CA ALA B 189 37.24 -5.48 17.54
C ALA B 189 36.95 -6.79 16.82
N ALA B 190 35.83 -6.81 16.10
CA ALA B 190 35.45 -7.96 15.28
C ALA B 190 36.68 -8.67 14.73
N VAL B 191 37.53 -7.93 14.05
CA VAL B 191 38.83 -8.42 13.62
C VAL B 191 39.53 -9.19 14.74
N TYR B 192 39.88 -8.48 15.81
CA TYR B 192 40.66 -9.06 16.90
C TYR B 192 40.07 -10.39 17.36
N MET B 193 38.82 -10.35 17.81
CA MET B 193 38.14 -11.53 18.32
C MET B 193 38.46 -12.77 17.48
N ILE B 194 38.35 -12.65 16.16
CA ILE B 194 38.58 -13.77 15.27
C ILE B 194 39.94 -14.42 15.55
N ASP B 195 41.00 -13.78 15.08
CA ASP B 195 42.33 -14.39 15.10
C ASP B 195 42.79 -14.63 16.55
N HIS B 196 42.22 -13.89 17.49
CA HIS B 196 42.34 -14.23 18.91
C HIS B 196 40.97 -14.47 19.53
N PRO B 197 40.64 -15.74 19.78
CA PRO B 197 39.34 -16.17 20.32
C PRO B 197 39.10 -15.68 21.74
N THR B 198 39.75 -16.33 22.70
CA THR B 198 39.62 -15.98 24.11
C THR B 198 40.22 -14.62 24.40
N ALA B 199 39.36 -13.66 24.72
CA ALA B 199 39.79 -12.27 24.94
C ALA B 199 39.16 -11.66 26.19
N LYS B 200 39.92 -10.82 26.88
CA LYS B 200 39.43 -10.08 28.03
C LYS B 200 38.69 -8.83 27.61
N ILE B 201 37.70 -8.44 28.40
CA ILE B 201 36.86 -7.29 28.08
C ILE B 201 37.64 -5.98 28.14
N ASP B 202 38.77 -6.00 28.83
CA ASP B 202 39.57 -4.79 29.03
C ASP B 202 40.43 -4.49 27.81
N LYS B 203 40.94 -5.53 27.16
CA LYS B 203 41.80 -5.36 25.99
C LYS B 203 40.97 -5.08 24.74
N LEU B 204 39.69 -5.47 24.79
CA LEU B 204 38.79 -5.32 23.65
C LEU B 204 38.10 -3.96 23.67
N MET B 205 37.99 -3.36 24.86
CA MET B 205 37.49 -2.00 24.98
C MET B 205 38.49 -1.00 24.38
N GLU B 206 39.73 -1.44 24.22
CA GLU B 206 40.76 -0.65 23.56
C GLU B 206 40.33 -0.24 22.16
N PHE B 207 39.44 -1.03 21.56
CA PHE B 207 38.98 -0.80 20.20
C PHE B 207 37.68 -0.02 20.20
N LEU B 208 36.85 -0.25 21.22
CA LEU B 208 35.57 0.44 21.35
C LEU B 208 35.48 1.10 22.71
N PRO B 209 36.24 2.19 22.88
CA PRO B 209 36.33 2.91 24.17
C PRO B 209 34.95 3.21 24.75
N GLY B 210 33.94 3.17 23.90
CA GLY B 210 32.56 3.35 24.31
C GLY B 210 31.59 3.45 23.14
N PRO B 211 30.29 3.48 23.44
CA PRO B 211 29.25 3.66 22.43
C PRO B 211 29.34 5.05 21.80
N ASP B 212 29.40 5.11 20.47
CA ASP B 212 29.20 6.37 19.75
C ASP B 212 27.71 6.62 19.52
N PHE B 213 27.26 7.81 19.92
CA PHE B 213 25.92 8.28 19.55
C PHE B 213 26.04 9.27 18.40
N PRO B 214 25.02 9.31 17.52
CA PRO B 214 24.95 10.32 16.47
C PRO B 214 25.22 11.70 17.06
N THR B 215 24.66 11.94 18.25
CA THR B 215 24.89 13.18 18.98
C THR B 215 25.82 12.92 20.16
N GLY B 216 26.93 12.23 19.89
CA GLY B 216 27.86 11.83 20.92
C GLY B 216 28.20 12.94 21.88
N ALA B 217 29.17 13.76 21.52
CA ALA B 217 29.67 14.81 22.42
C ALA B 217 30.57 14.24 23.50
N ILE B 218 30.02 14.02 24.68
CA ILE B 218 30.80 13.59 25.83
C ILE B 218 30.08 12.52 26.64
N ILE B 219 30.77 11.41 26.89
CA ILE B 219 30.23 10.33 27.71
C ILE B 219 31.20 9.95 28.82
N GLN B 220 30.75 10.05 30.08
CA GLN B 220 31.61 9.78 31.21
C GLN B 220 31.22 8.48 31.92
N GLY B 221 32.22 7.66 32.24
CA GLY B 221 32.01 6.44 33.00
C GLY B 221 32.93 5.31 32.56
N ARG B 222 34.23 5.54 32.66
CA ARG B 222 35.21 4.56 32.18
C ARG B 222 35.10 3.24 32.94
N ASP B 223 35.11 3.31 34.26
CA ASP B 223 34.99 2.11 35.08
C ASP B 223 33.58 1.56 35.06
N GLU B 224 32.61 2.43 34.77
CA GLU B 224 31.21 2.04 34.72
C GLU B 224 30.90 1.24 33.45
N ILE B 225 31.41 1.68 32.31
CA ILE B 225 31.26 0.91 31.09
C ILE B 225 32.06 -0.38 31.20
N LYS B 226 33.31 -0.25 31.63
CA LYS B 226 34.26 -1.37 31.63
C LYS B 226 33.64 -2.65 32.21
N LYS B 227 33.03 -2.52 33.38
CA LYS B 227 32.37 -3.65 34.02
C LYS B 227 31.13 -4.07 33.24
N ALA B 228 30.43 -3.09 32.69
CA ALA B 228 29.13 -3.35 32.05
C ALA B 228 29.27 -4.26 30.84
N TYR B 229 30.46 -4.28 30.24
CA TYR B 229 30.65 -4.94 28.95
C TYR B 229 30.56 -6.46 29.08
N GLU B 230 30.72 -6.97 30.30
CA GLU B 230 30.50 -8.38 30.56
C GLU B 230 29.22 -8.59 31.35
N THR B 231 28.89 -7.63 32.21
CA THR B 231 27.74 -7.74 33.10
C THR B 231 26.43 -7.57 32.35
N GLY B 232 26.48 -6.84 31.23
CA GLY B 232 25.32 -6.63 30.39
C GLY B 232 24.27 -5.76 31.07
N LYS B 233 24.70 -5.02 32.08
CA LYS B 233 23.82 -4.08 32.77
C LYS B 233 24.65 -3.06 33.53
N GLY B 234 24.23 -1.79 33.46
CA GLY B 234 24.96 -0.72 34.12
C GLY B 234 24.45 0.65 33.74
N ARG B 235 25.27 1.66 34.00
CA ARG B 235 24.88 3.06 33.76
C ARG B 235 26.11 3.93 33.46
N VAL B 236 26.03 4.71 32.40
CA VAL B 236 27.14 5.57 32.00
C VAL B 236 26.84 7.02 32.33
N VAL B 237 27.27 7.92 31.46
CA VAL B 237 26.96 9.34 31.60
C VAL B 237 27.15 10.05 30.26
N VAL B 238 26.48 11.19 30.09
CA VAL B 238 26.48 11.87 28.79
C VAL B 238 26.26 13.37 28.93
N ARG B 239 27.15 14.16 28.32
CA ARG B 239 27.11 15.61 28.49
C ARG B 239 26.90 16.32 27.16
N SER B 240 26.31 17.51 27.25
CA SER B 240 25.87 18.29 26.09
C SER B 240 27.04 18.88 25.30
N GLU B 243 29.04 25.43 24.83
CA GLU B 243 29.98 26.35 24.20
C GLU B 243 30.31 27.52 25.13
N ILE B 244 31.60 27.88 25.16
CA ILE B 244 32.05 29.03 25.92
C ILE B 244 32.62 30.12 25.01
N GLU B 245 31.98 31.28 25.00
CA GLU B 245 32.47 32.43 24.23
C GLU B 245 31.93 33.74 24.79
N LYS B 246 32.51 34.85 24.36
CA LYS B 246 32.16 36.15 24.91
C LYS B 246 31.49 37.05 23.87
N LEU B 247 30.30 37.54 24.22
CA LEU B 247 29.53 38.38 23.30
C LEU B 247 30.05 39.81 23.29
N LYS B 248 29.24 40.72 22.73
CA LYS B 248 29.60 42.13 22.71
C LYS B 248 29.01 42.87 23.92
N GLY B 249 29.63 44.00 24.26
CA GLY B 249 29.13 44.83 25.35
C GLY B 249 29.51 44.30 26.72
N GLY B 250 30.01 43.08 26.76
CA GLY B 250 30.52 42.50 27.99
C GLY B 250 29.50 41.64 28.70
N LYS B 251 29.09 40.55 28.06
CA LYS B 251 28.18 39.59 28.69
C LYS B 251 28.59 38.15 28.37
N GLU B 252 28.01 37.21 29.10
CA GLU B 252 28.32 35.80 28.93
C GLU B 252 27.55 35.19 27.76
N GLN B 253 28.24 34.45 26.90
CA GLN B 253 27.61 33.78 25.77
C GLN B 253 27.88 32.28 25.77
N ILE B 254 27.13 31.55 26.58
CA ILE B 254 27.25 30.09 26.61
C ILE B 254 25.94 29.44 26.20
N VAL B 255 25.87 28.98 24.95
CA VAL B 255 24.66 28.38 24.41
C VAL B 255 24.93 26.99 23.82
N ILE B 256 23.86 26.32 23.41
CA ILE B 256 23.92 24.93 22.96
C ILE B 256 23.83 24.84 21.44
N THR B 257 24.48 23.82 20.89
CA THR B 257 24.82 23.73 19.47
C THR B 257 23.59 23.76 18.56
N GLU B 262 21.67 10.03 22.74
CA GLU B 262 20.33 9.67 22.29
C GLU B 262 19.26 10.26 23.22
N ILE B 263 19.06 11.58 23.11
CA ILE B 263 18.08 12.29 23.93
C ILE B 263 16.94 12.80 23.08
N ASN B 264 16.45 14.01 23.40
CA ASN B 264 15.30 14.57 22.70
C ASN B 264 15.21 16.09 22.87
N LYS B 265 15.32 16.81 21.76
CA LYS B 265 15.36 18.28 21.81
C LYS B 265 13.98 18.89 22.02
N ALA B 266 12.99 18.00 22.17
CA ALA B 266 11.59 18.40 22.25
C ALA B 266 11.27 19.06 23.60
N ASN B 267 11.96 18.62 24.64
CA ASN B 267 11.69 19.11 25.98
C ASN B 267 12.87 19.89 26.58
N LEU B 268 14.00 19.89 25.88
CA LEU B 268 15.16 20.62 26.37
C LEU B 268 15.13 22.06 25.89
N VAL B 269 14.37 22.31 24.83
CA VAL B 269 14.13 23.67 24.34
C VAL B 269 13.40 24.52 25.37
N LYS B 270 12.33 23.95 25.94
CA LYS B 270 11.57 24.64 26.98
C LYS B 270 12.24 24.49 28.34
N LYS B 271 13.00 23.42 28.51
CA LYS B 271 13.62 23.12 29.79
C LYS B 271 14.68 24.15 30.16
N ILE B 272 15.47 24.58 29.18
CA ILE B 272 16.31 25.76 29.35
C ILE B 272 15.47 26.93 29.85
N ASP B 273 14.42 27.27 29.11
CA ASP B 273 13.64 28.47 29.41
C ASP B 273 12.78 28.29 30.66
N ASP B 274 12.74 27.07 31.18
CA ASP B 274 12.08 26.84 32.47
C ASP B 274 12.93 27.36 33.63
N VAL B 275 14.24 27.10 33.56
CA VAL B 275 15.18 27.66 34.54
C VAL B 275 15.01 29.16 34.68
N ARG B 276 14.85 29.85 33.55
CA ARG B 276 14.67 31.29 33.53
C ARG B 276 13.29 31.71 34.05
N VAL B 277 12.29 30.91 33.76
CA VAL B 277 10.92 31.24 34.15
C VAL B 277 10.75 31.17 35.67
N ASN B 278 11.45 30.24 36.30
CA ASN B 278 11.36 30.07 37.75
C ASN B 278 12.53 30.71 38.47
N ASN B 279 13.36 31.43 37.72
CA ASN B 279 14.48 32.19 38.28
C ASN B 279 15.15 31.46 39.45
N LYS B 280 15.53 30.21 39.20
CA LYS B 280 16.12 29.39 40.25
C LYS B 280 17.50 28.89 39.86
N ILE B 300 19.90 31.61 26.13
CA ILE B 300 20.83 31.49 27.26
C ILE B 300 22.23 32.00 26.91
N GLU B 301 22.30 32.92 25.94
CA GLU B 301 23.49 33.74 25.74
C GLU B 301 23.34 35.08 26.44
N LEU B 302 22.93 35.04 27.70
CA LEU B 302 22.68 36.23 28.50
C LEU B 302 23.87 36.55 29.41
N ASN B 307 27.94 36.25 35.64
CA ASN B 307 28.43 35.35 34.61
C ASN B 307 29.10 34.10 35.18
N THR B 308 28.41 33.45 36.11
CA THR B 308 29.00 32.38 36.92
C THR B 308 28.92 31.03 36.22
N GLU B 309 30.07 30.35 36.12
CA GLU B 309 30.18 29.07 35.44
C GLU B 309 29.66 27.92 36.31
N LEU B 310 29.54 28.18 37.61
CA LEU B 310 28.80 27.29 38.50
C LEU B 310 27.34 27.18 38.05
N VAL B 311 26.86 28.23 37.40
CA VAL B 311 25.47 28.30 36.96
C VAL B 311 25.16 27.21 35.94
N LEU B 312 26.00 27.11 34.92
CA LEU B 312 25.87 26.04 33.92
C LEU B 312 25.84 24.68 34.60
N ASN B 313 26.55 24.58 35.73
CA ASN B 313 26.64 23.34 36.48
C ASN B 313 25.29 22.90 37.06
N TYR B 314 24.45 23.89 37.39
CA TYR B 314 23.12 23.61 37.90
C TYR B 314 22.22 22.97 36.84
N LEU B 315 22.17 23.61 35.67
CA LEU B 315 21.37 23.11 34.55
C LEU B 315 21.92 21.79 34.04
N PHE B 316 23.24 21.64 34.11
CA PHE B 316 23.94 20.51 33.51
C PHE B 316 23.77 19.24 34.35
N LYS B 317 22.78 19.24 35.23
CA LYS B 317 22.49 18.03 36.01
C LYS B 317 21.01 17.97 36.38
N TYR B 318 20.29 19.07 36.16
CA TYR B 318 18.90 19.15 36.58
C TYR B 318 17.99 19.45 35.39
N THR B 319 18.53 20.19 34.43
CA THR B 319 17.73 20.67 33.29
C THR B 319 17.66 19.61 32.18
N ASP B 320 18.14 18.41 32.49
CA ASP B 320 18.12 17.32 31.52
C ASP B 320 18.97 17.65 30.30
N LEU B 321 19.95 18.54 30.48
CA LEU B 321 20.84 18.93 29.39
C LEU B 321 22.14 18.12 29.45
N GLN B 322 22.19 17.22 30.42
CA GLN B 322 23.28 16.25 30.54
C GLN B 322 22.84 15.02 31.31
N ILE B 323 21.77 14.38 30.84
CA ILE B 323 21.24 13.19 31.48
C ILE B 323 22.13 11.98 31.25
N ASN B 326 21.56 4.82 30.33
CA ASN B 326 21.63 3.44 30.83
C ASN B 326 22.08 2.47 29.75
N PHE B 327 22.24 1.21 30.14
CA PHE B 327 22.51 0.13 29.20
C PHE B 327 21.91 -1.17 29.70
N ASN B 328 21.24 -1.90 28.80
CA ASN B 328 20.53 -3.13 29.16
C ASN B 328 20.72 -4.24 28.13
N MET B 329 21.94 -4.76 28.04
CA MET B 329 22.31 -5.71 27.01
C MET B 329 21.40 -6.95 27.02
N VAL B 330 20.53 -7.05 26.03
CA VAL B 330 19.46 -8.05 26.02
C VAL B 330 18.99 -8.31 24.61
N ALA B 331 19.12 -9.56 24.16
CA ALA B 331 18.57 -9.95 22.88
C ALA B 331 18.09 -11.39 22.89
N ILE B 332 18.04 -11.99 21.72
CA ILE B 332 17.64 -13.39 21.58
C ILE B 332 18.75 -14.17 20.88
N ASP B 333 19.27 -15.19 21.58
CA ASP B 333 20.29 -16.06 21.04
C ASP B 333 19.93 -17.52 21.31
N ASN B 334 20.21 -18.39 20.35
CA ASN B 334 19.82 -19.80 20.44
C ASN B 334 18.30 -19.97 20.44
N PHE B 335 17.63 -19.19 19.59
CA PHE B 335 16.20 -18.86 19.69
C PHE B 335 15.68 -18.80 21.12
N THR B 336 16.34 -18.03 21.96
CA THR B 336 15.97 -17.95 23.39
C THR B 336 16.48 -16.65 24.00
N PRO B 337 15.61 -15.89 24.63
CA PRO B 337 15.89 -14.50 25.06
C PRO B 337 16.89 -14.45 26.19
N ARG B 338 18.04 -13.81 25.98
CA ARG B 338 19.08 -13.81 27.01
C ARG B 338 19.74 -12.43 27.17
N GLN B 339 20.30 -12.17 28.34
CA GLN B 339 21.25 -11.05 28.49
C GLN B 339 22.62 -11.52 28.03
N VAL B 340 23.30 -10.71 27.20
CA VAL B 340 24.67 -11.00 26.85
C VAL B 340 25.59 -9.81 27.14
N GLY B 341 26.75 -9.78 26.49
CA GLY B 341 27.70 -8.69 26.65
C GLY B 341 28.60 -8.56 25.45
N ILE B 342 29.63 -7.72 25.58
CA ILE B 342 30.47 -7.36 24.44
C ILE B 342 31.18 -8.57 23.87
N VAL B 343 31.33 -9.61 24.69
CA VAL B 343 32.01 -10.83 24.27
C VAL B 343 31.04 -11.81 23.61
N PRO B 344 29.88 -12.07 24.23
CA PRO B 344 28.87 -12.92 23.60
C PRO B 344 28.52 -12.39 22.22
N ILE B 345 28.03 -11.15 22.18
CA ILE B 345 27.49 -10.58 20.95
C ILE B 345 28.42 -10.81 19.77
N LEU B 346 29.67 -10.33 19.89
CA LEU B 346 30.69 -10.60 18.89
C LEU B 346 30.93 -12.10 18.75
N SER B 347 30.73 -12.83 19.84
CA SER B 347 30.96 -14.27 19.85
C SER B 347 29.99 -15.00 18.93
N SER B 348 28.70 -14.70 19.05
CA SER B 348 27.69 -15.35 18.22
C SER B 348 27.67 -14.85 16.78
N TYR B 349 27.98 -13.58 16.59
CA TYR B 349 28.00 -12.96 15.26
C TYR B 349 29.18 -13.46 14.44
N ILE B 350 30.28 -13.76 15.13
CA ILE B 350 31.39 -14.49 14.51
C ILE B 350 30.88 -15.84 14.03
N ALA B 351 30.19 -16.54 14.92
CA ALA B 351 29.63 -17.85 14.61
C ALA B 351 28.53 -17.75 13.57
N HIS B 352 27.82 -16.62 13.57
CA HIS B 352 26.69 -16.45 12.65
C HIS B 352 27.20 -16.39 11.22
N ARG B 353 28.35 -15.77 11.05
CA ARG B 353 29.00 -15.69 9.73
C ARG B 353 29.72 -17.00 9.41
N ARG B 354 30.46 -17.55 10.37
CA ARG B 354 31.04 -18.87 10.20
C ARG B 354 30.11 -19.70 9.30
N GLU B 355 28.81 -19.54 9.47
CA GLU B 355 27.87 -20.43 8.80
C GLU B 355 27.24 -19.79 7.59
N VAL B 356 27.25 -18.45 7.53
CA VAL B 356 26.91 -17.72 6.30
C VAL B 356 27.97 -18.01 5.24
N ILE B 357 29.23 -17.74 5.58
CA ILE B 357 30.34 -18.02 4.67
C ILE B 357 30.33 -19.49 4.25
N LEU B 358 30.23 -20.40 5.24
CA LEU B 358 30.18 -21.81 4.92
C LEU B 358 29.09 -22.11 3.90
N ALA B 359 27.93 -21.46 4.05
CA ALA B 359 26.85 -21.67 3.11
C ALA B 359 27.22 -21.15 1.73
N ARG B 360 27.49 -19.85 1.64
CA ARG B 360 27.90 -19.25 0.37
C ARG B 360 29.02 -20.06 -0.29
N SER B 361 29.78 -20.80 0.51
CA SER B 361 30.69 -21.80 -0.02
C SER B 361 29.91 -22.97 -0.61
N ARG B 362 29.40 -23.82 0.27
CA ARG B 362 28.75 -25.07 -0.11
C ARG B 362 27.82 -24.89 -1.31
N PHE B 363 27.19 -23.71 -1.39
CA PHE B 363 26.27 -23.44 -2.47
C PHE B 363 27.01 -23.11 -3.76
N ASP B 364 27.63 -21.94 -3.80
CA ASP B 364 28.36 -21.50 -4.99
C ASP B 364 29.21 -22.62 -5.58
N LYS B 365 29.78 -23.44 -4.69
CA LYS B 365 30.51 -24.65 -5.11
C LYS B 365 29.62 -25.58 -5.93
N GLU B 366 28.44 -25.89 -5.42
CA GLU B 366 27.53 -26.82 -6.07
C GLU B 366 27.02 -26.26 -7.39
N LYS B 367 26.92 -24.93 -7.48
CA LYS B 367 26.45 -24.29 -8.70
C LYS B 367 27.50 -24.41 -9.80
N ALA B 368 28.76 -24.34 -9.41
CA ALA B 368 29.87 -24.60 -10.32
C ALA B 368 29.88 -26.05 -10.77
N GLU B 369 30.12 -26.98 -9.84
CA GLU B 369 30.06 -28.39 -10.19
C GLU B 369 29.06 -28.60 -11.32
N LYS B 370 27.84 -28.12 -11.09
CA LYS B 370 26.73 -28.32 -12.01
C LYS B 370 27.01 -27.68 -13.37
N ARG B 371 27.85 -26.67 -13.40
CA ARG B 371 28.16 -25.97 -14.64
C ARG B 371 29.31 -26.67 -15.38
N LEU B 372 30.41 -26.90 -14.66
CA LEU B 372 31.55 -27.58 -15.25
C LEU B 372 31.14 -28.91 -15.89
N HIS B 373 29.95 -29.39 -15.54
CA HIS B 373 29.54 -30.74 -15.92
C HIS B 373 28.84 -30.75 -17.27
N ILE B 374 28.13 -29.67 -17.59
CA ILE B 374 27.58 -29.53 -18.94
C ILE B 374 28.61 -28.86 -19.85
N VAL B 375 29.52 -28.08 -19.26
CA VAL B 375 30.69 -27.64 -20.00
C VAL B 375 31.51 -28.88 -20.33
N GLU B 376 31.95 -29.58 -19.29
CA GLU B 376 32.68 -30.83 -19.47
C GLU B 376 32.00 -31.72 -20.50
N GLY B 377 30.68 -31.64 -20.56
CA GLY B 377 29.91 -32.44 -21.49
C GLY B 377 29.95 -31.85 -22.89
N LEU B 378 29.67 -30.56 -22.99
CA LEU B 378 29.53 -29.92 -24.29
C LEU B 378 30.85 -29.97 -25.07
N ILE B 379 31.97 -29.77 -24.37
CA ILE B 379 33.28 -30.01 -24.95
C ILE B 379 33.29 -31.34 -25.71
N ARG B 380 33.29 -32.44 -24.94
CA ARG B 380 33.13 -33.77 -25.55
C ARG B 380 32.26 -33.68 -26.79
N VAL B 381 31.10 -33.04 -26.67
CA VAL B 381 30.08 -33.09 -27.71
C VAL B 381 30.60 -32.50 -29.01
N ILE B 382 31.50 -31.52 -28.87
CA ILE B 382 32.15 -30.90 -30.02
C ILE B 382 32.80 -31.96 -30.90
N SER B 383 33.62 -32.80 -30.28
CA SER B 383 34.24 -33.95 -30.93
C SER B 383 33.30 -34.60 -31.94
N ILE B 384 32.09 -34.91 -31.50
CA ILE B 384 31.08 -35.50 -32.38
C ILE B 384 29.84 -34.62 -32.48
N LEU B 385 30.02 -33.34 -32.80
CA LEU B 385 28.89 -32.50 -33.16
C LEU B 385 28.13 -33.10 -34.34
N ASP B 386 28.87 -33.57 -35.33
CA ASP B 386 28.28 -34.14 -36.54
C ASP B 386 27.35 -35.32 -36.21
N GLU B 387 27.90 -36.37 -35.64
CA GLU B 387 27.10 -37.54 -35.29
C GLU B 387 25.90 -37.16 -34.40
N VAL B 388 26.13 -36.24 -33.46
CA VAL B 388 25.09 -35.89 -32.51
C VAL B 388 23.97 -35.11 -33.18
N ILE B 389 24.36 -34.05 -33.91
CA ILE B 389 23.44 -33.34 -34.78
C ILE B 389 22.69 -34.32 -35.67
N ALA B 390 23.09 -35.59 -35.60
CA ALA B 390 22.53 -36.60 -36.47
C ALA B 390 21.26 -37.20 -35.85
N LEU B 391 21.43 -38.04 -34.85
CA LEU B 391 20.31 -38.80 -34.30
C LEU B 391 19.28 -37.86 -33.65
N ILE B 392 19.69 -36.61 -33.43
CA ILE B 392 18.76 -35.65 -32.86
C ILE B 392 17.78 -35.13 -33.90
N ARG B 393 18.08 -35.37 -35.18
CA ARG B 393 17.08 -35.18 -36.23
C ARG B 393 16.20 -36.42 -36.35
N ALA B 394 16.79 -37.49 -36.87
CA ALA B 394 16.06 -38.72 -37.13
C ALA B 394 15.50 -39.32 -35.84
N SER B 395 15.54 -38.57 -34.75
CA SER B 395 15.26 -39.12 -33.42
C SER B 395 13.78 -39.50 -33.27
N GLU B 396 12.97 -38.61 -32.72
CA GLU B 396 11.53 -38.82 -32.72
C GLU B 396 10.79 -37.66 -32.08
N ASN B 397 10.67 -37.68 -30.75
CA ASN B 397 10.06 -36.58 -30.02
C ASN B 397 11.12 -35.65 -29.45
N LYS B 398 10.76 -34.94 -28.38
CA LYS B 398 11.74 -34.17 -27.61
C LYS B 398 12.38 -35.06 -26.56
N ALA B 399 11.56 -35.58 -25.65
CA ALA B 399 12.01 -36.54 -24.65
C ALA B 399 12.59 -37.79 -25.32
N ASP B 400 12.20 -38.03 -26.56
CA ASP B 400 12.75 -39.15 -27.32
C ASP B 400 14.23 -38.91 -27.64
N ALA B 401 14.59 -37.64 -27.81
CA ALA B 401 15.91 -37.32 -28.38
C ALA B 401 17.02 -37.48 -27.35
N LYS B 402 16.76 -37.05 -26.12
CA LYS B 402 17.78 -37.11 -25.07
C LYS B 402 18.06 -38.56 -24.69
N GLU B 403 17.00 -39.34 -24.47
CA GLU B 403 17.19 -40.76 -24.18
C GLU B 403 18.16 -41.38 -25.18
N ASN B 404 17.80 -41.32 -26.45
CA ASN B 404 18.61 -41.89 -27.52
C ASN B 404 20.08 -41.47 -27.45
N LEU B 405 20.40 -40.49 -26.60
CA LEU B 405 21.80 -40.23 -26.25
C LEU B 405 22.22 -41.09 -25.05
N LYS B 406 21.79 -42.36 -25.10
CA LYS B 406 22.44 -43.48 -24.38
C LYS B 406 23.57 -44.08 -25.21
N VAL B 407 23.36 -44.17 -26.52
CA VAL B 407 24.42 -44.53 -27.46
C VAL B 407 25.31 -43.33 -27.74
N SER B 408 26.27 -43.50 -28.65
CA SER B 408 27.34 -42.53 -28.88
C SER B 408 27.44 -41.49 -27.77
N TYR B 409 27.35 -41.94 -26.52
CA TYR B 409 27.79 -41.16 -25.35
C TYR B 409 27.41 -41.85 -24.03
N ASP B 410 27.75 -41.19 -22.93
CA ASP B 410 27.35 -41.65 -21.60
C ASP B 410 26.91 -40.47 -20.75
N PHE B 411 26.57 -39.37 -21.41
CA PHE B 411 26.22 -38.13 -20.73
C PHE B 411 24.99 -38.34 -19.85
N THR B 412 24.81 -37.47 -18.85
CA THR B 412 23.67 -37.55 -17.96
C THR B 412 22.54 -36.68 -18.48
N GLU B 413 21.41 -36.66 -17.80
CA GLU B 413 20.34 -35.76 -18.17
C GLU B 413 20.86 -34.33 -18.28
N GLU B 414 21.20 -33.72 -17.16
CA GLU B 414 21.70 -32.35 -17.19
C GLU B 414 22.79 -32.22 -18.24
N GLN B 415 23.51 -33.32 -18.50
CA GLN B 415 24.43 -33.38 -19.64
C GLN B 415 23.64 -33.29 -20.94
N ALA B 416 22.63 -34.15 -21.07
CA ALA B 416 21.86 -34.27 -22.31
C ALA B 416 21.04 -33.02 -22.58
N GLU B 417 20.29 -32.57 -21.57
CA GLU B 417 19.54 -31.32 -21.66
C GLU B 417 20.20 -30.33 -22.63
N ALA B 418 21.17 -29.56 -22.15
CA ALA B 418 21.65 -28.40 -22.91
C ALA B 418 22.15 -28.84 -24.29
N ILE B 419 22.50 -30.11 -24.41
CA ILE B 419 22.90 -30.64 -25.71
C ILE B 419 21.73 -30.59 -26.68
N VAL B 420 20.51 -30.66 -26.13
CA VAL B 420 19.30 -30.61 -26.94
C VAL B 420 18.61 -29.26 -26.83
N THR B 421 18.69 -28.62 -25.66
CA THR B 421 18.13 -27.29 -25.48
C THR B 421 18.91 -26.25 -26.26
N LEU B 422 20.07 -26.65 -26.79
CA LEU B 422 20.91 -25.75 -27.56
C LEU B 422 20.05 -25.00 -28.57
N GLN B 423 20.63 -24.05 -29.29
CA GLN B 423 19.97 -23.45 -30.45
C GLN B 423 20.92 -23.29 -31.63
N LEU B 424 20.39 -23.32 -32.84
CA LEU B 424 21.22 -23.45 -34.03
C LEU B 424 22.27 -22.33 -34.12
N TYR B 425 22.06 -21.22 -33.39
CA TYR B 425 23.14 -20.26 -33.18
C TYR B 425 24.40 -20.99 -32.72
N ARG B 426 24.38 -21.41 -31.47
CA ARG B 426 25.53 -22.04 -30.83
C ARG B 426 26.04 -23.29 -31.57
N LEU B 427 25.29 -23.82 -32.53
CA LEU B 427 25.88 -24.86 -33.37
C LEU B 427 27.12 -24.31 -34.06
N THR B 428 27.26 -22.99 -34.03
CA THR B 428 28.54 -22.34 -34.35
C THR B 428 29.57 -22.53 -33.22
N ASN B 429 29.54 -23.71 -32.58
CA ASN B 429 30.23 -23.89 -31.29
C ASN B 429 31.67 -23.40 -31.35
N THR B 430 31.82 -22.08 -31.31
CA THR B 430 33.10 -21.41 -31.32
C THR B 430 33.93 -21.79 -30.09
N ASP B 431 33.23 -22.25 -29.05
CA ASP B 431 33.89 -22.61 -27.80
C ASP B 431 34.78 -23.83 -27.98
N VAL B 432 34.90 -24.31 -29.21
CA VAL B 432 35.76 -25.45 -29.50
C VAL B 432 36.94 -25.46 -28.52
N VAL B 433 37.64 -24.33 -28.48
CA VAL B 433 38.86 -24.19 -27.67
C VAL B 433 38.58 -23.51 -26.35
N VAL B 434 37.60 -22.61 -26.33
CA VAL B 434 37.21 -21.92 -25.10
C VAL B 434 36.72 -22.90 -24.03
N LEU B 435 35.59 -23.53 -24.28
CA LEU B 435 35.05 -24.48 -23.31
C LEU B 435 36.16 -25.27 -22.65
N GLN B 436 37.14 -25.72 -23.44
CA GLN B 436 38.34 -26.34 -22.90
C GLN B 436 38.89 -25.49 -21.76
N GLU B 437 38.94 -24.19 -21.99
CA GLU B 437 39.53 -23.25 -21.04
C GLU B 437 38.68 -23.14 -19.80
N GLU B 438 37.36 -23.18 -19.98
CA GLU B 438 36.40 -23.15 -18.89
C GLU B 438 36.62 -24.30 -17.91
N GLU B 439 36.81 -25.51 -18.44
CA GLU B 439 37.08 -26.68 -17.63
C GLU B 439 38.06 -26.39 -16.51
N ALA B 440 38.94 -25.42 -16.74
CA ALA B 440 39.94 -25.05 -15.74
C ALA B 440 39.51 -23.80 -14.98
N GLU B 441 38.85 -22.88 -15.67
CA GLU B 441 38.33 -21.68 -15.03
C GLU B 441 37.39 -22.06 -13.90
N LEU B 442 36.35 -22.80 -14.23
CA LEU B 442 35.33 -23.18 -13.26
C LEU B 442 35.83 -24.29 -12.32
N ARG B 443 36.91 -24.97 -12.70
CA ARG B 443 37.45 -26.00 -11.84
C ARG B 443 38.38 -25.42 -10.78
N GLU B 444 38.90 -24.23 -11.05
CA GLU B 444 39.69 -23.51 -10.05
C GLU B 444 38.79 -23.11 -8.89
N LYS B 445 37.72 -22.38 -9.21
CA LYS B 445 36.80 -21.90 -8.19
C LYS B 445 36.21 -23.06 -7.38
N ILE B 446 35.97 -24.20 -8.02
CA ILE B 446 35.49 -25.36 -7.31
C ILE B 446 36.61 -26.01 -6.50
N ALA B 447 37.83 -25.54 -6.73
CA ALA B 447 38.99 -25.94 -5.94
C ALA B 447 39.11 -25.10 -4.69
N MET B 448 38.94 -23.79 -4.87
CA MET B 448 38.94 -22.84 -3.77
C MET B 448 37.75 -23.06 -2.84
N LEU B 449 36.56 -22.76 -3.34
CA LEU B 449 35.35 -22.85 -2.55
C LEU B 449 35.35 -24.11 -1.67
N ALA B 450 35.52 -25.27 -2.28
CA ALA B 450 35.54 -26.52 -1.51
C ALA B 450 36.67 -26.51 -0.49
N ALA B 451 37.68 -25.67 -0.73
CA ALA B 451 38.81 -25.54 0.18
C ALA B 451 38.42 -24.70 1.40
N ILE B 452 37.55 -23.71 1.19
CA ILE B 452 36.98 -22.97 2.31
C ILE B 452 36.18 -23.88 3.24
N ILE B 453 35.93 -25.11 2.78
CA ILE B 453 35.05 -26.03 3.50
C ILE B 453 35.78 -26.77 4.61
N GLY B 454 37.06 -27.07 4.39
CA GLY B 454 37.86 -27.73 5.41
C GLY B 454 38.80 -26.77 6.11
N ASP B 455 39.06 -25.63 5.46
CA ASP B 455 40.09 -24.71 5.90
C ASP B 455 39.55 -23.71 6.91
N GLU B 456 39.54 -24.12 8.18
CA GLU B 456 39.07 -23.27 9.27
C GLU B 456 39.83 -21.95 9.28
N ARG B 457 41.12 -22.01 8.97
CA ARG B 457 42.00 -20.85 9.08
C ARG B 457 41.79 -19.89 7.92
N THR B 458 41.70 -20.44 6.71
CA THR B 458 41.42 -19.62 5.54
C THR B 458 40.09 -18.92 5.68
N MET B 459 39.11 -19.63 6.25
CA MET B 459 37.76 -19.11 6.40
C MET B 459 37.77 -17.71 6.99
N TYR B 460 38.40 -17.58 8.16
CA TYR B 460 38.36 -16.33 8.90
C TYR B 460 39.04 -15.20 8.13
N ASN B 461 40.07 -15.56 7.36
CA ASN B 461 40.77 -14.60 6.51
C ASN B 461 39.83 -13.95 5.49
N LEU B 462 38.86 -14.73 5.00
CA LEU B 462 37.66 -14.16 4.36
C LEU B 462 37.01 -13.14 5.27
N MET B 463 36.31 -13.63 6.31
CA MET B 463 35.47 -12.76 7.13
C MET B 463 36.21 -11.50 7.58
N LYS B 464 37.54 -11.55 7.53
CA LYS B 464 38.36 -10.37 7.79
C LYS B 464 38.26 -9.39 6.63
N LYS B 465 38.88 -9.76 5.51
CA LYS B 465 38.97 -8.91 4.32
C LYS B 465 37.64 -8.23 4.04
N GLU B 466 36.54 -8.95 4.28
CA GLU B 466 35.21 -8.41 4.10
C GLU B 466 34.91 -7.33 5.13
N LEU B 467 35.02 -7.70 6.40
CA LEU B 467 34.66 -6.80 7.49
C LEU B 467 35.53 -5.55 7.47
N ARG B 468 36.82 -5.75 7.16
CA ARG B 468 37.73 -4.65 6.86
C ARG B 468 37.13 -3.81 5.74
N GLU B 469 36.50 -4.49 4.78
CA GLU B 469 36.03 -3.84 3.56
C GLU B 469 34.98 -2.79 3.89
N VAL B 470 34.01 -3.17 4.73
CA VAL B 470 33.00 -2.22 5.16
C VAL B 470 33.62 -1.17 6.07
N LYS B 471 34.45 -1.63 6.99
CA LYS B 471 35.26 -0.75 7.83
C LYS B 471 35.67 0.50 7.04
N LYS B 472 35.96 0.30 5.77
CA LYS B 472 36.56 1.33 4.93
C LYS B 472 35.48 2.06 4.14
N LYS B 473 34.79 1.33 3.27
CA LYS B 473 33.75 1.94 2.43
C LYS B 473 32.75 2.64 3.32
N PHE B 474 31.85 1.87 3.93
CA PHE B 474 30.82 2.41 4.80
C PHE B 474 31.40 2.68 6.19
N ALA B 475 32.64 3.15 6.22
CA ALA B 475 33.31 3.45 7.48
C ALA B 475 32.92 4.82 8.06
N THR B 476 32.84 4.88 9.39
CA THR B 476 32.40 6.10 10.06
C THR B 476 33.52 6.72 10.87
N PRO B 477 33.51 8.05 11.01
CA PRO B 477 34.50 8.81 11.79
C PRO B 477 34.58 8.34 13.25
N ARG B 478 34.25 9.23 14.17
CA ARG B 478 34.14 8.89 15.59
C ARG B 478 33.17 9.82 16.31
N LEU B 479 32.73 9.41 17.50
CA LEU B 479 31.98 10.29 18.39
C LEU B 479 31.70 9.63 19.73
N THR C 38 -0.40 26.08 16.46
CA THR C 38 -0.59 26.09 15.01
C THR C 38 0.34 27.05 14.26
N PRO C 39 0.80 28.13 14.91
CA PRO C 39 1.82 28.96 14.25
C PRO C 39 3.20 28.30 14.30
N ALA C 40 4.23 29.03 13.90
CA ALA C 40 5.58 28.47 13.88
C ALA C 40 6.63 29.49 14.32
N GLN C 41 6.25 30.37 15.23
CA GLN C 41 7.20 31.29 15.87
C GLN C 41 7.74 32.33 14.89
N SER C 42 8.77 33.06 15.33
CA SER C 42 9.23 34.24 14.61
C SER C 42 10.59 34.72 15.12
N ASN C 44 9.14 41.70 15.85
CA ASN C 44 9.85 42.82 15.24
C ASN C 44 9.63 42.91 13.72
N PRO C 45 8.54 43.57 13.32
CA PRO C 45 8.01 43.52 11.95
C PRO C 45 8.91 44.23 10.94
N ALA C 46 10.18 43.85 10.92
CA ALA C 46 11.19 44.52 10.09
C ALA C 46 10.96 44.27 8.59
N LYS C 47 10.46 43.08 8.27
CA LYS C 47 10.18 42.75 6.87
C LYS C 47 8.90 41.92 6.74
N ASN C 48 8.04 42.03 7.75
CA ASN C 48 6.78 41.29 7.78
C ASN C 48 6.97 39.79 8.00
N GLU C 49 7.12 39.06 6.90
CA GLU C 49 7.52 37.65 6.92
C GLU C 49 6.44 36.75 7.51
N LEU C 50 5.75 36.03 6.64
CA LEU C 50 4.71 35.10 7.08
C LEU C 50 4.31 34.13 5.97
N TYR C 51 4.89 32.94 6.00
CA TYR C 51 4.74 31.97 4.91
C TYR C 51 3.55 31.05 5.15
N LEU C 52 2.69 30.92 4.14
CA LEU C 52 1.44 30.18 4.29
C LEU C 52 1.50 28.89 3.49
N VAL C 53 1.71 27.77 4.19
CA VAL C 53 1.87 26.48 3.53
C VAL C 53 0.55 25.73 3.41
N GLU C 54 0.58 24.62 2.69
CA GLU C 54 -0.58 23.77 2.50
C GLU C 54 -0.42 22.44 3.24
N GLY C 55 -1.18 22.29 4.32
CA GLY C 55 -1.21 21.03 5.06
C GLY C 55 0.04 20.80 5.88
N ASP C 56 -0.10 20.03 6.96
CA ASP C 56 0.94 19.93 7.99
C ASP C 56 2.18 19.20 7.48
N SER C 57 2.08 18.56 6.32
CA SER C 57 3.27 17.97 5.70
C SER C 57 4.17 19.06 5.15
N ALA C 58 3.57 20.02 4.43
CA ALA C 58 4.30 21.17 3.92
C ALA C 58 4.74 22.07 5.06
N GLY C 59 3.78 22.54 5.85
CA GLY C 59 4.04 23.39 6.99
C GLY C 59 4.89 22.68 8.05
N GLY C 60 5.04 21.37 7.89
CA GLY C 60 6.00 20.63 8.68
C GLY C 60 7.37 20.63 8.03
N SER C 61 7.39 20.41 6.72
CA SER C 61 8.64 20.43 5.97
C SER C 61 9.26 21.82 5.97
N ALA C 62 8.40 22.84 6.05
CA ALA C 62 8.84 24.23 6.06
C ALA C 62 9.35 24.64 7.43
N LYS C 63 8.58 24.33 8.48
CA LYS C 63 8.96 24.70 9.83
C LYS C 63 10.30 24.07 10.24
N GLN C 64 10.72 23.07 9.48
CA GLN C 64 12.02 22.45 9.69
C GLN C 64 13.07 23.09 8.80
N ASP C 67 13.54 26.95 6.61
CA ASP C 67 14.90 27.38 6.91
C ASP C 67 15.13 28.85 6.56
N ARG C 68 14.23 29.71 7.06
CA ARG C 68 14.17 31.10 6.60
C ARG C 68 12.89 31.85 7.00
N LYS C 69 12.64 32.04 8.29
CA LYS C 69 11.63 33.00 8.71
C LYS C 69 12.20 34.18 9.52
N PHE C 70 12.14 35.36 8.90
CA PHE C 70 12.55 36.63 9.48
C PHE C 70 11.87 36.91 10.83
N ILE C 73 5.60 30.70 10.18
CA ILE C 73 4.86 29.75 9.36
C ILE C 73 3.53 29.37 10.00
N LEU C 74 2.51 29.16 9.15
CA LEU C 74 1.23 28.64 9.60
C LEU C 74 0.60 27.76 8.53
N PRO C 75 0.83 26.43 8.61
CA PRO C 75 0.08 25.46 7.81
C PRO C 75 -1.41 25.82 7.76
N LEU C 76 -1.91 26.20 6.58
CA LEU C 76 -3.35 26.08 6.31
C LEU C 76 -3.69 24.64 5.93
N ARG C 77 -4.52 24.03 6.78
CA ARG C 77 -4.97 22.65 6.65
C ARG C 77 -5.67 22.43 5.32
N GLY C 78 -6.99 22.29 5.37
CA GLY C 78 -7.77 21.91 4.20
C GLY C 78 -8.33 23.09 3.46
N LYS C 79 -8.80 22.85 2.25
CA LYS C 79 -9.57 23.82 1.46
C LYS C 79 -10.29 24.88 2.32
N VAL C 80 -9.92 26.14 2.10
CA VAL C 80 -10.51 27.28 2.80
C VAL C 80 -11.87 27.65 2.22
N ILE C 81 -12.64 28.44 2.95
CA ILE C 81 -14.03 28.71 2.59
C ILE C 81 -14.10 29.78 1.49
N ASN C 82 -15.12 29.72 0.65
CA ASN C 82 -15.13 30.55 -0.57
C ASN C 82 -15.69 31.95 -0.36
N THR C 83 -15.37 32.56 0.77
CA THR C 83 -15.71 33.96 1.04
C THR C 83 -17.07 34.36 0.47
N ALA C 84 -17.08 34.79 -0.79
CA ALA C 84 -18.31 35.12 -1.50
C ALA C 84 -19.23 33.91 -1.66
N LYS C 85 -18.92 32.84 -0.94
CA LYS C 85 -19.65 31.58 -1.08
C LYS C 85 -20.60 31.35 0.08
N ALA C 86 -20.52 32.21 1.10
CA ALA C 86 -21.34 32.06 2.30
C ALA C 86 -21.66 33.41 2.95
N LYS C 87 -21.82 33.37 4.26
CA LYS C 87 -22.20 34.56 5.04
C LYS C 87 -21.06 35.03 5.93
N MET C 88 -21.03 36.34 6.22
CA MET C 88 -20.02 36.90 7.10
C MET C 88 -19.98 36.16 8.44
N ALA C 89 -21.13 36.04 9.10
CA ALA C 89 -21.26 35.14 10.24
C ALA C 89 -20.65 33.79 9.90
N ASP C 90 -21.03 33.25 8.76
CA ASP C 90 -20.36 32.07 8.22
C ASP C 90 -18.86 32.13 8.46
N ILE C 91 -18.21 33.13 7.86
CA ILE C 91 -16.75 33.17 7.79
C ILE C 91 -16.13 33.24 9.19
N LEU C 92 -16.82 33.88 10.11
CA LEU C 92 -16.31 34.05 11.47
C LEU C 92 -16.31 32.73 12.22
N LYS C 93 -17.07 31.77 11.70
CA LYS C 93 -17.20 30.47 12.35
C LYS C 93 -16.11 29.50 11.89
N ASN C 94 -15.39 29.89 10.83
CA ASN C 94 -14.42 28.99 10.20
C ASN C 94 -13.00 29.20 10.71
N GLU C 95 -12.44 28.17 11.33
CA GLU C 95 -11.14 28.28 11.99
C GLU C 95 -10.04 28.65 11.01
N GLU C 96 -10.30 28.47 9.72
CA GLU C 96 -9.32 28.81 8.69
C GLU C 96 -9.29 30.32 8.44
N ILE C 97 -10.45 30.94 8.36
CA ILE C 97 -10.52 32.41 8.37
C ILE C 97 -10.05 32.96 9.71
N ASN C 98 -10.47 32.32 10.80
CA ASN C 98 -10.14 32.81 12.13
C ASN C 98 -8.64 32.77 12.38
N THR C 99 -8.09 31.57 12.53
CA THR C 99 -6.66 31.41 12.78
C THR C 99 -5.83 32.35 11.90
N MET C 100 -6.28 32.53 10.66
CA MET C 100 -5.54 33.36 9.72
C MET C 100 -5.45 34.79 10.22
N ILE C 101 -6.61 35.41 10.47
CA ILE C 101 -6.66 36.81 10.86
C ILE C 101 -6.14 37.04 12.28
N TYR C 102 -6.11 35.97 13.08
CA TYR C 102 -5.48 36.03 14.38
C TYR C 102 -4.01 36.42 14.22
N THR C 103 -3.18 35.47 13.79
CA THR C 103 -1.82 35.78 13.41
C THR C 103 -1.82 37.04 12.55
N ILE C 104 -1.19 38.10 13.04
CA ILE C 104 -1.18 39.37 12.32
C ILE C 104 -2.55 40.04 12.38
N GLY C 105 -2.58 41.23 13.00
CA GLY C 105 -3.82 41.89 13.37
C GLY C 105 -4.77 42.21 12.23
N ALA C 106 -4.59 43.38 11.63
CA ALA C 106 -5.38 43.78 10.47
C ALA C 106 -6.88 43.68 10.73
N GLY C 107 -7.48 42.57 10.31
CA GLY C 107 -8.93 42.41 10.37
C GLY C 107 -9.62 42.94 9.13
N VAL C 108 -10.90 43.27 9.26
CA VAL C 108 -11.68 43.76 8.12
C VAL C 108 -11.39 45.23 7.79
N GLY C 109 -11.75 46.13 8.70
CA GLY C 109 -11.34 47.51 8.60
C GLY C 109 -9.88 47.70 8.98
N LYS C 121 5.85 40.71 3.90
CA LYS C 121 6.06 39.49 3.13
C LYS C 121 5.22 38.31 3.64
N ILE C 122 3.92 38.35 3.36
CA ILE C 122 3.06 37.20 3.59
C ILE C 122 3.06 36.31 2.35
N ILE C 123 4.11 35.49 2.22
CA ILE C 123 4.21 34.50 1.15
C ILE C 123 3.20 33.36 1.30
N ILE C 124 2.68 32.89 0.18
CA ILE C 124 1.64 31.87 0.18
C ILE C 124 2.08 30.69 -0.68
N MET C 125 2.38 29.56 -0.05
CA MET C 125 3.04 28.44 -0.73
C MET C 125 2.07 27.29 -0.99
N THR C 126 1.75 27.09 -2.26
CA THR C 126 0.93 25.97 -2.69
C THR C 126 1.81 24.79 -3.08
N ASP C 127 1.43 24.15 -4.18
CA ASP C 127 2.17 23.02 -4.73
C ASP C 127 2.20 23.21 -6.24
N ALA C 128 2.19 22.12 -7.01
CA ALA C 128 1.84 22.21 -8.42
C ALA C 128 0.45 21.65 -8.70
N ASP C 129 -0.09 20.89 -7.74
CA ASP C 129 -1.38 20.26 -7.92
C ASP C 129 -2.37 21.26 -8.51
N THR C 130 -3.01 20.92 -9.63
CA THR C 130 -4.26 21.58 -10.01
C THR C 130 -5.23 21.55 -8.85
N ASP C 131 -5.07 20.56 -7.97
CA ASP C 131 -5.70 20.59 -6.65
C ASP C 131 -5.14 21.75 -5.84
N GLY C 132 -3.84 21.99 -6.00
CA GLY C 132 -3.14 23.03 -5.25
C GLY C 132 -3.52 24.44 -5.69
N ALA C 133 -4.10 24.57 -6.87
CA ALA C 133 -4.58 25.88 -7.29
C ALA C 133 -5.81 26.29 -6.48
N HIS C 134 -6.88 25.52 -6.54
CA HIS C 134 -8.06 25.90 -5.77
C HIS C 134 -7.67 26.48 -4.41
N ILE C 135 -6.44 26.18 -3.97
CA ILE C 135 -5.96 26.70 -2.69
C ILE C 135 -5.12 28.00 -2.84
N GLN C 136 -4.59 28.26 -4.03
CA GLN C 136 -4.29 29.64 -4.43
C GLN C 136 -5.58 30.43 -4.68
N THR C 137 -6.39 29.94 -5.61
CA THR C 137 -7.61 30.64 -5.99
C THR C 137 -8.37 31.23 -4.81
N LEU C 138 -8.67 30.41 -3.81
CA LEU C 138 -9.52 30.88 -2.73
C LEU C 138 -8.81 31.94 -1.89
N LEU C 139 -7.65 31.56 -1.36
CA LEU C 139 -6.92 32.40 -0.41
C LEU C 139 -6.83 33.83 -0.92
N LEU C 140 -6.40 34.02 -2.17
CA LEU C 140 -6.39 35.34 -2.77
C LEU C 140 -7.75 36.01 -2.64
N THR C 141 -8.83 35.27 -2.96
CA THR C 141 -10.16 35.80 -2.70
C THR C 141 -10.33 36.05 -1.20
N PHE C 142 -9.67 35.23 -0.41
CA PHE C 142 -9.76 35.37 1.05
C PHE C 142 -8.90 36.52 1.55
N PHE C 143 -7.88 36.86 0.76
CA PHE C 143 -7.04 38.02 1.00
C PHE C 143 -7.65 39.25 0.33
N TYR C 144 -8.66 39.05 -0.50
CA TYR C 144 -9.17 40.16 -1.32
C TYR C 144 -10.47 40.75 -0.79
N ARG C 145 -11.56 40.01 -0.90
CA ARG C 145 -12.85 40.49 -0.40
C ARG C 145 -12.70 41.04 1.02
N TYR C 146 -11.83 40.40 1.80
CA TYR C 146 -11.42 40.91 3.10
C TYR C 146 -9.92 41.17 3.10
N MET C 147 -9.48 42.19 3.82
CA MET C 147 -8.05 42.47 3.93
C MET C 147 -7.52 43.07 2.62
N ARG C 148 -8.37 43.86 1.98
CA ARG C 148 -8.07 44.51 0.71
C ARG C 148 -6.66 45.10 0.63
N PRO C 149 -6.34 46.07 1.50
CA PRO C 149 -5.07 46.79 1.36
C PRO C 149 -3.87 45.86 1.44
N LEU C 150 -4.02 44.75 2.17
CA LEU C 150 -2.94 43.76 2.27
C LEU C 150 -2.28 43.55 0.90
N VAL C 151 -3.09 43.18 -0.10
CA VAL C 151 -2.58 43.04 -1.45
C VAL C 151 -2.79 44.29 -2.28
N GLU C 152 -3.55 45.25 -1.75
CA GLU C 152 -3.70 46.54 -2.41
C GLU C 152 -2.39 47.32 -2.36
N ALA C 153 -1.78 47.34 -1.17
CA ALA C 153 -0.35 47.62 -1.00
C ALA C 153 0.48 46.66 -1.84
N GLY C 154 0.13 45.37 -1.80
CA GLY C 154 0.79 44.39 -2.64
C GLY C 154 1.92 43.68 -1.92
N HIS C 155 1.82 43.64 -0.60
CA HIS C 155 2.84 43.02 0.23
C HIS C 155 2.81 41.49 0.13
N VAL C 156 1.68 40.96 -0.37
CA VAL C 156 1.51 39.53 -0.48
C VAL C 156 2.09 38.98 -1.78
N TYR C 157 2.70 37.80 -1.70
CA TYR C 157 3.31 37.18 -2.87
C TYR C 157 3.12 35.66 -2.86
N ILE C 158 3.04 35.07 -4.05
CA ILE C 158 2.63 33.68 -4.22
C ILE C 158 3.81 32.84 -4.71
N ALA C 159 4.33 31.96 -3.85
CA ALA C 159 5.68 31.42 -4.03
C ALA C 159 5.81 30.53 -5.27
N LEU C 160 6.99 30.55 -5.88
CA LEU C 160 7.20 29.83 -7.13
C LEU C 160 7.98 28.55 -6.87
N PRO C 161 7.26 27.46 -6.52
CA PRO C 161 7.84 26.14 -6.29
C PRO C 161 8.57 25.63 -7.52
N PRO C 162 9.45 24.63 -7.33
CA PRO C 162 10.18 23.98 -8.41
C PRO C 162 9.27 23.02 -9.19
N LEU C 163 9.50 22.87 -10.48
CA LEU C 163 8.88 21.78 -11.23
C LEU C 163 9.78 20.54 -11.19
N TYR C 164 10.60 20.39 -12.23
CA TYR C 164 11.33 19.15 -12.49
C TYR C 164 12.81 19.26 -12.09
N LYS C 165 13.21 18.48 -11.09
CA LYS C 165 14.61 18.42 -10.69
C LYS C 165 15.34 17.37 -11.52
N MET C 166 16.57 17.64 -11.92
CA MET C 166 17.34 16.64 -12.67
C MET C 166 18.47 16.07 -11.84
N SER C 167 18.68 14.76 -11.97
CA SER C 167 19.71 14.04 -11.22
C SER C 167 20.73 13.41 -12.17
N LYS C 168 21.77 12.81 -11.61
CA LYS C 168 22.82 12.22 -12.41
C LYS C 168 23.58 11.13 -11.66
N GLY C 169 24.73 11.49 -11.10
CA GLY C 169 25.59 10.53 -10.43
C GLY C 169 24.91 9.76 -9.33
N LYS C 170 25.04 8.43 -9.36
CA LYS C 170 24.44 7.58 -8.34
C LYS C 170 25.40 7.36 -7.18
N GLY C 171 25.86 8.46 -6.59
CA GLY C 171 26.81 8.40 -5.49
C GLY C 171 27.66 9.64 -5.41
N LYS C 172 27.77 10.35 -6.53
CA LYS C 172 28.52 11.60 -6.58
C LYS C 172 27.59 12.80 -6.41
N LYS C 173 26.28 12.54 -6.42
CA LYS C 173 25.29 13.59 -6.23
C LYS C 173 25.43 14.70 -7.26
N GLU C 174 24.39 14.90 -8.06
CA GLU C 174 24.39 15.95 -9.09
C GLU C 174 22.98 16.46 -9.39
N GLU C 175 22.51 17.42 -8.59
CA GLU C 175 21.12 17.85 -8.65
C GLU C 175 20.98 19.18 -9.38
N VAL C 176 19.74 19.57 -9.66
CA VAL C 176 19.48 20.82 -10.38
C VAL C 176 18.19 21.51 -9.90
N ALA C 177 17.34 21.85 -10.86
CA ALA C 177 16.14 22.62 -10.59
C ALA C 177 15.50 23.11 -11.88
N ALA C 179 11.56 25.71 -12.66
CA ALA C 179 10.19 26.06 -12.25
C ALA C 179 9.27 26.14 -13.47
N TRP C 180 9.78 25.69 -14.62
CA TRP C 180 8.95 25.35 -15.76
C TRP C 180 9.56 24.18 -16.54
N THR C 181 8.98 22.99 -16.36
CA THR C 181 9.41 21.82 -17.12
C THR C 181 8.77 21.80 -18.50
N ASP C 182 8.40 22.98 -19.00
CA ASP C 182 7.79 23.11 -20.31
C ASP C 182 8.81 23.59 -21.35
N GLY C 183 8.82 24.91 -21.58
CA GLY C 183 9.84 25.51 -22.42
C GLY C 183 11.16 25.70 -21.69
N GLU C 184 11.08 25.76 -20.36
CA GLU C 184 12.26 25.99 -19.53
C GLU C 184 13.17 24.76 -19.49
N LEU C 185 12.55 23.59 -19.38
CA LEU C 185 13.29 22.37 -19.01
C LEU C 185 14.34 21.98 -20.05
N GLU C 186 14.21 22.53 -21.25
CA GLU C 186 15.06 22.11 -22.36
C GLU C 186 16.50 22.55 -22.18
N GLU C 187 16.71 23.60 -21.40
CA GLU C 187 18.05 24.13 -21.14
C GLU C 187 18.94 23.13 -20.41
N LEU C 188 18.31 22.24 -19.64
CA LEU C 188 19.06 21.25 -18.86
C LEU C 188 19.34 19.99 -19.67
N LYS C 194 20.51 12.67 -23.21
CA LYS C 194 20.38 11.51 -22.33
C LYS C 194 21.65 11.30 -21.50
N GLY C 195 21.71 10.19 -20.78
CA GLY C 195 22.87 9.86 -19.97
C GLY C 195 22.64 10.09 -18.50
N ALA C 196 21.74 11.03 -18.19
CA ALA C 196 21.45 11.39 -16.80
C ALA C 196 20.09 10.87 -16.36
N THR C 197 19.42 11.61 -15.47
CA THR C 197 18.12 11.22 -14.96
C THR C 197 17.24 12.43 -14.74
N LEU C 198 15.96 12.21 -14.43
CA LEU C 198 15.04 13.32 -14.19
C LEU C 198 14.13 13.07 -12.98
N GLN C 199 13.34 14.07 -12.63
CA GLN C 199 12.20 13.90 -11.73
C GLN C 199 11.03 14.77 -12.18
N ARG C 200 9.92 14.70 -11.45
CA ARG C 200 8.83 15.67 -11.61
C ARG C 200 8.17 15.90 -10.26
N TYR C 201 7.96 17.17 -9.89
CA TYR C 201 7.65 17.52 -8.51
C TYR C 201 6.15 17.44 -8.22
N LYS C 202 5.79 16.67 -7.20
CA LYS C 202 4.41 16.20 -7.03
C LYS C 202 3.65 17.11 -6.07
N GLY C 203 4.32 18.16 -5.60
CA GLY C 203 3.70 19.12 -4.70
C GLY C 203 4.50 19.39 -3.44
N LEU C 204 4.41 20.64 -2.96
CA LEU C 204 5.18 21.06 -1.80
C LEU C 204 5.18 19.99 -0.71
N GLY C 205 6.13 19.07 -0.75
CA GLY C 205 6.27 18.09 0.31
C GLY C 205 7.44 17.14 0.14
N GLU C 206 7.50 16.47 -1.00
CA GLU C 206 8.54 15.47 -1.22
C GLU C 206 9.90 16.13 -1.38
N MET C 207 9.93 17.45 -1.11
CA MET C 207 11.15 18.24 -1.25
C MET C 207 11.97 18.23 0.04
N ASP C 210 16.00 20.65 3.62
CA ASP C 210 17.22 21.07 2.93
C ASP C 210 16.93 21.57 1.51
N GLN C 211 16.53 20.67 0.62
CA GLN C 211 16.07 21.10 -0.70
C GLN C 211 15.12 22.29 -0.54
N LEU C 212 14.36 22.30 0.54
CA LEU C 212 13.25 23.23 0.70
C LEU C 212 13.74 24.68 0.71
N TRP C 213 15.04 24.85 0.88
CA TRP C 213 15.64 26.18 0.91
C TRP C 213 15.93 26.68 -0.51
N GLU C 214 15.59 25.88 -1.50
CA GLU C 214 15.59 26.31 -2.89
C GLU C 214 14.39 27.20 -3.20
N THR C 215 13.29 26.99 -2.47
CA THR C 215 12.21 27.99 -2.43
C THR C 215 12.17 28.70 -1.08
N THR C 216 12.97 28.22 -0.14
CA THR C 216 12.92 28.73 1.24
C THR C 216 13.91 29.89 1.46
N MET C 217 15.21 29.58 1.45
CA MET C 217 16.21 30.46 2.06
C MET C 217 16.75 31.52 1.09
N ASN C 218 16.29 31.48 -0.16
CA ASN C 218 16.42 32.65 -1.04
C ASN C 218 15.04 33.18 -1.43
N PRO C 219 14.54 34.16 -0.67
CA PRO C 219 13.15 34.64 -0.85
C PRO C 219 12.88 35.04 -2.29
N GLU C 220 13.67 35.98 -2.80
CA GLU C 220 13.52 36.46 -4.18
C GLU C 220 13.97 35.42 -5.21
N THR C 221 14.74 34.43 -4.76
CA THR C 221 15.16 33.34 -5.63
C THR C 221 13.97 32.70 -6.35
N ARG C 222 12.77 32.98 -5.88
CA ARG C 222 11.56 32.43 -6.47
C ARG C 222 10.43 33.46 -6.56
N THR C 223 9.96 33.90 -5.37
CA THR C 223 8.58 34.36 -5.13
C THR C 223 8.01 35.19 -6.28
N LEU C 224 6.68 35.37 -6.28
CA LEU C 224 6.02 36.23 -7.25
C LEU C 224 5.08 37.23 -6.57
N ILE C 225 5.34 38.51 -6.78
CA ILE C 225 4.54 39.58 -6.17
C ILE C 225 3.20 39.76 -6.88
N ARG C 226 2.15 40.06 -6.13
CA ARG C 226 0.78 39.81 -6.60
C ARG C 226 -0.03 41.10 -6.70
N VAL C 227 -1.07 41.09 -7.55
CA VAL C 227 -2.18 42.05 -7.45
C VAL C 227 -1.91 43.34 -8.24
N THR C 228 -0.66 43.48 -8.68
CA THR C 228 -0.17 44.73 -9.24
C THR C 228 -1.20 45.37 -10.18
N ILE C 229 -1.52 46.63 -9.92
CA ILE C 229 -2.42 47.40 -10.78
C ILE C 229 -3.69 46.61 -11.13
N GLU C 230 -4.20 45.87 -10.15
CA GLU C 230 -5.60 45.41 -10.17
C GLU C 230 -6.48 46.54 -10.70
N ASP C 231 -7.26 47.12 -9.78
CA ASP C 231 -8.29 48.08 -10.15
C ASP C 231 -9.68 47.46 -10.00
N LEU C 232 -10.63 47.94 -10.79
CA LEU C 232 -12.01 47.44 -10.74
C LEU C 232 -12.25 46.53 -11.92
N ALA C 233 -13.52 46.38 -12.30
CA ALA C 233 -13.91 45.51 -13.41
C ALA C 233 -13.24 44.14 -13.32
N ARG C 234 -12.33 44.01 -12.36
CA ARG C 234 -11.75 42.72 -12.00
C ARG C 234 -12.49 42.08 -10.83
N ALA C 235 -13.04 42.88 -9.92
CA ALA C 235 -14.00 42.36 -8.95
C ALA C 235 -15.18 41.74 -9.68
N GLU C 236 -15.32 42.08 -10.96
CA GLU C 236 -16.35 41.48 -11.81
C GLU C 236 -16.06 40.00 -12.01
N ARG C 237 -14.81 39.70 -12.34
CA ARG C 237 -14.41 38.35 -12.71
C ARG C 237 -14.30 37.43 -11.50
N ARG C 238 -13.88 38.00 -10.35
CA ARG C 238 -13.72 37.21 -9.15
C ARG C 238 -15.05 36.85 -8.53
N VAL C 239 -16.10 37.59 -8.84
CA VAL C 239 -17.44 37.16 -8.47
C VAL C 239 -18.04 36.28 -9.57
N ASN C 240 -17.31 36.20 -10.69
CA ASN C 240 -17.65 35.32 -11.79
C ASN C 240 -16.97 33.97 -11.64
N VAL C 241 -15.63 33.97 -11.68
CA VAL C 241 -14.85 32.75 -11.60
C VAL C 241 -15.13 32.03 -10.28
N LEU C 242 -14.34 32.32 -9.26
CA LEU C 242 -14.47 31.65 -7.97
C LEU C 242 -15.58 32.27 -7.16
N MET C 243 -15.45 32.19 -5.83
CA MET C 243 -16.54 32.48 -4.90
C MET C 243 -17.69 31.48 -5.07
N GLY C 244 -18.75 31.94 -5.73
CA GLY C 244 -19.98 31.18 -5.84
C GLY C 244 -21.03 31.97 -6.62
N ASP C 245 -20.91 31.96 -7.93
CA ASP C 245 -21.89 32.60 -8.80
C ASP C 245 -23.23 31.86 -8.75
N LYS C 246 -24.05 32.07 -9.78
CA LYS C 246 -25.29 31.32 -9.95
C LYS C 246 -25.07 30.07 -10.80
N VAL C 247 -23.81 29.64 -10.93
CA VAL C 247 -23.50 28.50 -11.77
C VAL C 247 -23.40 28.91 -13.23
N GLU C 248 -24.44 29.60 -13.71
CA GLU C 248 -24.50 30.07 -15.10
C GLU C 248 -23.20 30.75 -15.57
N PRO C 249 -22.72 31.74 -14.79
CA PRO C 249 -21.48 32.45 -15.13
C PRO C 249 -20.27 31.54 -15.28
N ARG C 250 -20.09 30.64 -14.31
CA ARG C 250 -18.95 29.72 -14.30
C ARG C 250 -18.97 28.78 -15.52
N ARG C 251 -20.04 28.01 -15.67
CA ARG C 251 -20.21 27.26 -16.91
C ARG C 251 -19.79 28.13 -18.09
N LYS C 252 -19.92 29.44 -17.94
CA LYS C 252 -19.74 30.35 -19.06
C LYS C 252 -18.29 30.77 -19.22
N TRP C 253 -17.56 30.95 -18.11
CA TRP C 253 -16.17 31.36 -18.24
C TRP C 253 -15.33 30.26 -18.88
N ILE C 254 -15.82 29.01 -18.84
CA ILE C 254 -15.19 27.93 -19.59
C ILE C 254 -15.71 27.91 -21.04
N GLU C 255 -15.91 29.11 -21.61
CA GLU C 255 -15.87 29.31 -23.05
C GLU C 255 -14.46 29.65 -23.49
N ASP C 256 -13.62 30.03 -22.55
CA ASP C 256 -12.20 30.25 -22.84
C ASP C 256 -11.35 29.17 -22.18
N ASN C 257 -11.82 27.92 -22.25
CA ASN C 257 -11.25 26.84 -21.45
C ASN C 257 -10.86 25.63 -22.32
N THR D 38 -21.65 4.16 21.29
CA THR D 38 -20.68 3.07 21.40
C THR D 38 -21.30 1.68 21.64
N PRO D 39 -22.52 1.62 22.22
CA PRO D 39 -23.17 0.30 22.29
C PRO D 39 -23.78 -0.08 20.94
N ALA D 40 -24.55 -1.15 20.90
CA ALA D 40 -25.14 -1.59 19.64
C ALA D 40 -26.57 -2.11 19.81
N GLN D 41 -27.29 -1.52 20.76
CA GLN D 41 -28.72 -1.79 20.93
C GLN D 41 -29.00 -3.22 21.42
N SER D 42 -30.26 -3.64 21.35
CA SER D 42 -30.70 -4.86 22.02
C SER D 42 -32.12 -5.24 21.61
N ASN D 44 -34.91 -6.50 28.10
CA ASN D 44 -35.56 -7.71 28.57
C ASN D 44 -34.58 -8.87 28.78
N PRO D 45 -33.94 -8.90 29.97
CA PRO D 45 -32.75 -9.72 30.24
C PRO D 45 -33.03 -11.22 30.24
N ALA D 46 -33.68 -11.71 29.19
CA ALA D 46 -34.15 -13.09 29.13
C ALA D 46 -33.00 -14.09 29.05
N LYS D 47 -31.92 -13.70 28.40
CA LYS D 47 -30.75 -14.57 28.30
C LYS D 47 -29.46 -13.76 28.41
N ASN D 48 -29.56 -12.57 29.01
CA ASN D 48 -28.43 -11.67 29.17
C ASN D 48 -27.97 -11.05 27.85
N GLU D 49 -27.03 -11.73 27.19
CA GLU D 49 -26.61 -11.41 25.83
C GLU D 49 -25.84 -10.10 25.74
N LEU D 50 -24.52 -10.20 25.59
CA LEU D 50 -23.68 -9.00 25.45
C LEU D 50 -22.31 -9.37 24.91
N TYR D 51 -22.13 -9.19 23.60
CA TYR D 51 -20.94 -9.66 22.89
C TYR D 51 -19.86 -8.58 22.87
N LEU D 52 -18.65 -8.93 23.30
CA LEU D 52 -17.58 -7.96 23.45
C LEU D 52 -16.52 -8.17 22.37
N VAL D 53 -16.51 -7.29 21.37
CA VAL D 53 -15.62 -7.43 20.23
C VAL D 53 -14.36 -6.60 20.41
N GLU D 54 -13.41 -6.79 19.49
CA GLU D 54 -12.14 -6.08 19.51
C GLU D 54 -12.06 -5.06 18.36
N GLY D 55 -12.12 -3.78 18.71
CA GLY D 55 -11.97 -2.72 17.73
C GLY D 55 -13.17 -2.58 16.81
N ASP D 56 -13.38 -1.37 16.31
CA ASP D 56 -14.61 -1.03 15.60
C ASP D 56 -14.75 -1.76 14.26
N SER D 57 -13.67 -2.40 13.82
CA SER D 57 -13.74 -3.24 12.64
C SER D 57 -14.53 -4.50 12.95
N ALA D 58 -14.18 -5.15 14.06
CA ALA D 58 -14.90 -6.33 14.54
C ALA D 58 -16.30 -5.95 15.00
N GLY D 59 -16.36 -5.04 15.97
CA GLY D 59 -17.62 -4.54 16.47
C GLY D 59 -18.46 -3.87 15.40
N GLY D 60 -17.84 -3.60 14.26
CA GLY D 60 -18.56 -3.13 13.09
C GLY D 60 -19.06 -4.29 12.26
N SER D 61 -18.20 -5.29 12.09
CA SER D 61 -18.58 -6.49 11.34
C SER D 61 -19.66 -7.26 12.08
N ALA D 62 -19.63 -7.17 13.40
CA ALA D 62 -20.58 -7.87 14.26
C ALA D 62 -21.92 -7.14 14.30
N LYS D 63 -21.88 -5.84 14.51
CA LYS D 63 -23.10 -5.03 14.60
C LYS D 63 -23.93 -5.14 13.32
N GLN D 64 -23.25 -5.46 12.21
CA GLN D 64 -23.93 -5.73 10.95
C GLN D 64 -24.43 -7.17 10.94
N GLY D 65 -23.59 -8.09 11.39
CA GLY D 65 -23.95 -9.51 11.35
C GLY D 65 -24.82 -9.96 12.50
N ARG D 66 -25.53 -9.02 13.10
CA ARG D 66 -26.28 -9.29 14.33
C ARG D 66 -27.24 -10.46 14.15
N ASP D 67 -26.83 -11.49 13.42
CA ASP D 67 -27.57 -12.73 13.35
C ASP D 67 -27.88 -13.26 14.75
N ARG D 68 -27.43 -12.53 15.78
CA ARG D 68 -27.53 -13.07 17.14
C ARG D 68 -27.26 -12.05 18.26
N LYS D 69 -27.98 -10.93 18.27
CA LYS D 69 -28.01 -10.09 19.47
C LYS D 69 -29.36 -10.13 20.18
N PHE D 70 -29.45 -11.01 21.18
CA PHE D 70 -30.61 -11.13 22.05
C PHE D 70 -30.60 -10.03 23.13
N ILE D 73 -23.95 -5.88 21.66
CA ILE D 73 -22.58 -5.75 21.18
C ILE D 73 -21.99 -4.40 21.55
N LEU D 74 -20.71 -4.40 21.96
CA LEU D 74 -19.94 -3.18 22.12
C LEU D 74 -18.46 -3.39 21.80
N PRO D 75 -17.96 -2.71 20.76
CA PRO D 75 -16.51 -2.60 20.49
C PRO D 75 -15.72 -2.27 21.76
N LEU D 76 -14.79 -3.14 22.16
CA LEU D 76 -13.69 -2.70 23.00
C LEU D 76 -12.45 -2.37 22.16
N ARG D 77 -11.95 -1.15 22.33
CA ARG D 77 -10.96 -0.57 21.42
C ARG D 77 -9.55 -0.55 22.02
N VAL D 80 -7.01 -2.63 26.99
CA VAL D 80 -7.61 -2.42 28.29
C VAL D 80 -6.57 -2.40 29.41
N ILE D 81 -6.85 -1.66 30.47
CA ILE D 81 -5.87 -1.41 31.53
C ILE D 81 -5.70 -2.63 32.43
N ASN D 82 -4.50 -2.83 32.97
CA ASN D 82 -4.18 -4.11 33.63
C ASN D 82 -4.59 -4.16 35.09
N THR D 83 -5.78 -3.66 35.40
CA THR D 83 -6.38 -3.80 36.73
C THR D 83 -5.35 -3.74 37.86
N ALA D 84 -4.80 -4.90 38.22
CA ALA D 84 -3.73 -4.98 39.20
C ALA D 84 -2.47 -4.25 38.75
N LYS D 85 -2.62 -3.38 37.74
CA LYS D 85 -1.48 -2.70 37.15
C LYS D 85 -1.41 -1.23 37.55
N ALA D 86 -2.47 -0.75 38.20
CA ALA D 86 -2.55 0.65 38.60
C ALA D 86 -3.40 0.82 39.85
N LYS D 87 -4.07 1.97 39.93
CA LYS D 87 -4.85 2.33 41.11
C LYS D 87 -6.34 2.32 40.81
N MET D 88 -7.16 2.08 41.84
CA MET D 88 -8.60 2.09 41.69
C MET D 88 -9.08 3.42 41.09
N ALA D 89 -8.66 4.53 41.68
CA ALA D 89 -8.84 5.83 41.06
C ALA D 89 -8.40 5.78 39.59
N ASP D 90 -7.22 5.20 39.36
CA ASP D 90 -6.77 4.89 38.01
C ASP D 90 -7.93 4.36 37.16
N ILE D 91 -8.43 3.19 37.54
CA ILE D 91 -9.36 2.43 36.69
C ILE D 91 -10.64 3.22 36.41
N LEU D 92 -11.02 4.08 37.35
CA LEU D 92 -12.24 4.85 37.19
C LEU D 92 -12.06 5.93 36.15
N LYS D 93 -10.81 6.23 35.83
CA LYS D 93 -10.48 7.27 34.87
C LYS D 93 -10.45 6.74 33.45
N ASN D 94 -10.48 5.41 33.31
CA ASN D 94 -10.30 4.77 32.01
C ASN D 94 -11.62 4.45 31.33
N GLU D 95 -11.86 5.05 30.16
CA GLU D 95 -13.14 4.92 29.49
C GLU D 95 -13.46 3.46 29.14
N GLU D 96 -12.42 2.63 29.14
CA GLU D 96 -12.61 1.22 28.81
C GLU D 96 -13.20 0.45 29.99
N ILE D 97 -12.69 0.70 31.19
CA ILE D 97 -13.34 0.21 32.41
C ILE D 97 -14.72 0.86 32.57
N ASN D 98 -14.79 2.17 32.33
CA ASN D 98 -16.03 2.90 32.51
C ASN D 98 -17.12 2.38 31.58
N THR D 99 -16.98 2.65 30.29
CA THR D 99 -17.98 2.26 29.32
C THR D 99 -18.43 0.82 29.54
N MET D 100 -17.51 -0.03 29.98
CA MET D 100 -17.84 -1.42 30.21
C MET D 100 -18.88 -1.55 31.31
N ILE D 101 -18.55 -1.06 32.50
CA ILE D 101 -19.42 -1.21 33.66
C ILE D 101 -20.72 -0.40 33.51
N TYR D 102 -20.70 0.61 32.64
CA TYR D 102 -21.91 1.34 32.32
C TYR D 102 -22.95 0.37 31.75
N THR D 103 -22.76 -0.04 30.50
CA THR D 103 -23.59 -1.08 29.92
C THR D 103 -23.66 -2.23 30.91
N ILE D 104 -24.87 -2.53 31.39
CA ILE D 104 -25.06 -3.56 32.40
C ILE D 104 -24.53 -3.11 33.76
N GLY D 105 -25.43 -3.03 34.73
CA GLY D 105 -25.17 -2.36 36.01
C GLY D 105 -24.04 -2.96 36.82
N ALA D 106 -24.37 -3.94 37.65
CA ALA D 106 -23.36 -4.65 38.45
C ALA D 106 -22.50 -3.68 39.27
N GLY D 107 -21.32 -3.34 38.76
CA GLY D 107 -20.37 -2.54 39.50
C GLY D 107 -19.42 -3.38 40.31
N VAL D 108 -18.80 -2.77 41.31
CA VAL D 108 -17.85 -3.47 42.18
C VAL D 108 -18.54 -4.43 43.18
N GLY D 109 -19.28 -3.86 44.14
CA GLY D 109 -20.15 -4.64 44.99
C GLY D 109 -21.43 -5.07 44.29
N LYS D 121 -25.24 -14.13 29.18
CA LYS D 121 -24.29 -14.43 28.11
C LYS D 121 -23.50 -13.18 27.68
N ILE D 122 -22.51 -12.81 28.48
CA ILE D 122 -21.53 -11.81 28.07
C ILE D 122 -20.36 -12.49 27.34
N ILE D 123 -20.59 -12.81 26.06
CA ILE D 123 -19.56 -13.37 25.19
C ILE D 123 -18.46 -12.35 24.89
N ILE D 124 -17.23 -12.83 24.85
CA ILE D 124 -16.07 -11.97 24.65
C ILE D 124 -15.29 -12.42 23.43
N MET D 125 -15.30 -11.63 22.37
CA MET D 125 -14.78 -12.09 21.07
C MET D 125 -13.45 -11.43 20.72
N THR D 126 -12.37 -12.22 20.76
CA THR D 126 -11.07 -11.77 20.35
C THR D 126 -10.82 -12.08 18.88
N ASP D 127 -9.63 -12.57 18.59
CA ASP D 127 -9.23 -12.95 17.22
C ASP D 127 -8.46 -14.25 17.34
N ALA D 128 -7.47 -14.46 16.46
CA ALA D 128 -6.45 -15.46 16.72
C ALA D 128 -5.12 -14.84 17.12
N ASP D 129 -4.97 -13.55 16.81
CA ASP D 129 -3.73 -12.84 17.11
C ASP D 129 -3.23 -13.22 18.50
N THR D 130 -1.97 -13.68 18.61
CA THR D 130 -1.26 -13.61 19.88
C THR D 130 -1.34 -12.20 20.46
N ASP D 131 -1.43 -11.21 19.57
CA ASP D 131 -1.84 -9.87 19.98
C ASP D 131 -3.26 -9.93 20.56
N GLY D 132 -4.09 -10.78 19.98
CA GLY D 132 -5.48 -10.88 20.35
C GLY D 132 -5.69 -11.56 21.71
N ALA D 133 -4.65 -12.22 22.20
CA ALA D 133 -4.74 -12.80 23.54
C ALA D 133 -4.62 -11.71 24.60
N HIS D 134 -3.52 -10.98 24.65
CA HIS D 134 -3.41 -9.94 25.66
C HIS D 134 -4.76 -9.26 25.90
N ILE D 135 -5.66 -9.37 24.93
CA ILE D 135 -6.97 -8.76 25.07
C ILE D 135 -8.04 -9.73 25.60
N GLN D 136 -7.79 -11.04 25.48
CA GLN D 136 -8.42 -12.00 26.39
C GLN D 136 -7.82 -11.89 27.80
N THR D 137 -6.51 -12.06 27.89
CA THR D 137 -5.82 -12.06 29.18
C THR D 137 -6.32 -10.97 30.13
N LEU D 138 -6.33 -9.72 29.66
CA LEU D 138 -6.66 -8.61 30.55
C LEU D 138 -8.12 -8.66 30.96
N LEU D 139 -9.00 -8.65 29.95
CA LEU D 139 -10.43 -8.55 30.22
C LEU D 139 -10.84 -9.51 31.31
N LEU D 140 -10.46 -10.79 31.19
CA LEU D 140 -10.73 -11.76 32.25
C LEU D 140 -10.28 -11.25 33.61
N THR D 141 -9.04 -10.75 33.69
CA THR D 141 -8.60 -10.07 34.91
C THR D 141 -9.53 -8.89 35.20
N PHE D 142 -10.00 -8.24 34.14
CA PHE D 142 -10.88 -7.09 34.28
C PHE D 142 -12.28 -7.52 34.67
N PHE D 143 -12.61 -8.77 34.34
CA PHE D 143 -13.85 -9.40 34.76
C PHE D 143 -13.66 -10.11 36.10
N TYR D 144 -12.42 -10.20 36.56
CA TYR D 144 -12.14 -11.02 37.74
C TYR D 144 -11.90 -10.18 39.00
N ARG D 145 -10.79 -9.45 39.05
CA ARG D 145 -10.50 -8.62 40.20
C ARG D 145 -11.70 -7.74 40.58
N TYR D 146 -12.42 -7.29 39.57
CA TYR D 146 -13.70 -6.63 39.76
C TYR D 146 -14.79 -7.44 39.05
N MET D 147 -16.00 -7.42 39.59
CA MET D 147 -17.11 -8.13 38.96
C MET D 147 -16.96 -9.65 39.11
N ARG D 148 -16.45 -10.05 40.28
CA ARG D 148 -16.16 -11.45 40.61
C ARG D 148 -17.29 -12.41 40.24
N PRO D 149 -18.49 -12.22 40.82
CA PRO D 149 -19.57 -13.20 40.62
C PRO D 149 -19.94 -13.37 39.16
N LEU D 150 -19.78 -12.30 38.37
CA LEU D 150 -20.03 -12.37 36.94
C LEU D 150 -19.53 -13.71 36.36
N VAL D 151 -18.24 -13.99 36.56
CA VAL D 151 -17.69 -15.27 36.15
C VAL D 151 -17.64 -16.28 37.28
N GLU D 152 -17.95 -15.84 38.49
CA GLU D 152 -18.09 -16.77 39.62
C GLU D 152 -19.34 -17.63 39.44
N ALA D 153 -20.44 -16.98 39.08
CA ALA D 153 -21.59 -17.65 38.45
C ALA D 153 -21.15 -18.38 37.18
N GLY D 154 -20.31 -17.74 36.39
CA GLY D 154 -19.75 -18.37 35.21
C GLY D 154 -20.57 -18.08 33.97
N HIS D 155 -21.27 -16.94 34.00
CA HIS D 155 -22.20 -16.55 32.95
C HIS D 155 -21.45 -16.05 31.73
N VAL D 156 -20.17 -15.75 31.90
CA VAL D 156 -19.34 -15.21 30.83
C VAL D 156 -18.64 -16.33 30.05
N TYR D 157 -18.53 -16.15 28.74
CA TYR D 157 -17.87 -17.13 27.89
C TYR D 157 -17.04 -16.47 26.79
N ILE D 158 -15.99 -17.17 26.35
CA ILE D 158 -14.98 -16.59 25.49
C ILE D 158 -15.01 -17.25 24.11
N ALA D 159 -15.42 -16.48 23.10
CA ALA D 159 -15.92 -17.05 21.83
C ALA D 159 -14.84 -17.80 21.05
N LEU D 160 -15.26 -18.85 20.36
CA LEU D 160 -14.32 -19.73 19.67
C LEU D 160 -14.33 -19.46 18.17
N PRO D 161 -13.59 -18.42 17.72
CA PRO D 161 -13.48 -18.06 16.32
C PRO D 161 -12.97 -19.22 15.48
N PRO D 162 -13.16 -19.13 14.15
CA PRO D 162 -12.66 -20.11 13.19
C PRO D 162 -11.16 -19.92 12.95
N LEU D 163 -10.46 -21.00 12.64
CA LEU D 163 -9.09 -20.89 12.15
C LEU D 163 -9.05 -20.84 10.61
N TYR D 164 -8.89 -22.03 10.02
CA TYR D 164 -8.66 -22.15 8.58
C TYR D 164 -9.91 -22.56 7.82
N LYS D 165 -10.36 -21.68 6.93
CA LYS D 165 -11.48 -21.97 6.04
C LYS D 165 -10.98 -22.58 4.74
N MET D 166 -11.63 -23.63 4.27
CA MET D 166 -11.21 -24.23 3.00
C MET D 166 -12.17 -23.89 1.86
N SER D 167 -11.61 -23.64 0.69
CA SER D 167 -12.38 -23.26 -0.49
C SER D 167 -12.19 -24.27 -1.61
N LYS D 168 -12.93 -24.10 -2.71
CA LYS D 168 -12.85 -25.04 -3.82
C LYS D 168 -13.25 -24.39 -5.15
N GLY D 169 -14.50 -24.62 -5.55
CA GLY D 169 -14.97 -24.15 -6.84
C GLY D 169 -14.83 -22.66 -7.03
N LYS D 170 -14.27 -22.27 -8.17
CA LYS D 170 -14.08 -20.86 -8.49
C LYS D 170 -15.29 -20.30 -9.24
N GLY D 171 -16.46 -20.46 -8.63
CA GLY D 171 -17.70 -20.01 -9.25
C GLY D 171 -18.89 -20.81 -8.76
N LYS D 172 -18.62 -22.01 -8.26
CA LYS D 172 -19.66 -22.87 -7.69
C LYS D 172 -19.74 -22.72 -6.18
N LYS D 173 -18.78 -22.00 -5.61
CA LYS D 173 -18.77 -21.74 -4.17
C LYS D 173 -18.78 -23.04 -3.36
N GLU D 174 -17.70 -23.27 -2.60
CA GLU D 174 -17.60 -24.45 -1.76
C GLU D 174 -16.73 -24.19 -0.53
N GLU D 175 -17.36 -23.69 0.54
CA GLU D 175 -16.64 -23.23 1.71
C GLU D 175 -16.71 -24.23 2.85
N VAL D 176 -15.93 -23.99 3.91
CA VAL D 176 -15.91 -24.89 5.06
C VAL D 176 -15.72 -24.15 6.38
N ALA D 177 -14.73 -24.60 7.16
CA ALA D 177 -14.57 -24.14 8.53
C ALA D 177 -13.73 -25.13 9.36
N TYR D 178 -12.86 -24.60 10.20
CA TYR D 178 -12.24 -25.38 11.28
C TYR D 178 -11.67 -24.47 12.37
N ALA D 179 -11.92 -24.82 13.63
CA ALA D 179 -11.46 -23.99 14.74
C ALA D 179 -10.16 -24.51 15.37
N TRP D 180 -9.57 -25.52 14.71
CA TRP D 180 -8.17 -25.88 14.93
C TRP D 180 -7.52 -26.35 13.63
N THR D 181 -6.67 -25.50 13.05
CA THR D 181 -5.92 -25.88 11.85
C THR D 181 -4.68 -26.70 12.23
N ASP D 182 -4.75 -27.36 13.38
CA ASP D 182 -3.63 -28.18 13.86
C ASP D 182 -3.90 -29.66 13.63
N GLY D 183 -4.41 -30.33 14.65
CA GLY D 183 -4.83 -31.71 14.52
C GLY D 183 -6.21 -31.83 13.86
N GLU D 184 -6.99 -30.76 13.98
CA GLU D 184 -8.35 -30.75 13.46
C GLU D 184 -8.37 -30.69 11.94
N LEU D 185 -7.46 -29.90 11.37
CA LEU D 185 -7.57 -29.49 9.96
C LEU D 185 -7.45 -30.69 9.01
N GLU D 186 -6.91 -31.79 9.51
CA GLU D 186 -6.59 -32.94 8.67
C GLU D 186 -7.86 -33.63 8.15
N GLU D 187 -8.96 -33.47 8.88
CA GLU D 187 -10.23 -34.09 8.49
C GLU D 187 -10.74 -33.55 7.16
N LEU D 188 -10.36 -32.32 6.83
CA LEU D 188 -10.83 -31.68 5.61
C LEU D 188 -9.93 -32.01 4.43
N LYS D 194 -5.11 -32.80 -2.16
CA LYS D 194 -4.99 -31.61 -3.00
C LYS D 194 -6.21 -31.45 -3.90
N GLY D 195 -6.14 -30.50 -4.83
CA GLY D 195 -7.21 -30.28 -5.79
C GLY D 195 -8.05 -29.07 -5.46
N ALA D 196 -8.09 -28.71 -4.18
CA ALA D 196 -8.90 -27.60 -3.71
C ALA D 196 -8.05 -26.40 -3.31
N THR D 197 -8.52 -25.64 -2.33
CA THR D 197 -7.80 -24.46 -1.85
C THR D 197 -7.93 -24.32 -0.34
N LEU D 198 -7.17 -23.41 0.25
CA LEU D 198 -7.25 -23.19 1.69
C LEU D 198 -7.26 -21.70 2.05
N GLN D 199 -7.45 -21.41 3.33
CA GLN D 199 -7.19 -20.08 3.88
C GLN D 199 -6.57 -20.20 5.27
N ARG D 200 -6.23 -19.06 5.87
CA ARG D 200 -5.90 -19.02 7.29
C ARG D 200 -6.39 -17.70 7.88
N TYR D 201 -7.09 -17.77 9.01
CA TYR D 201 -7.89 -16.63 9.48
C TYR D 201 -7.06 -15.65 10.32
N LYS D 202 -7.07 -14.38 9.93
CA LYS D 202 -6.07 -13.42 10.39
C LYS D 202 -6.58 -12.61 11.58
N GLY D 203 -7.79 -12.95 12.04
CA GLY D 203 -8.37 -12.27 13.19
C GLY D 203 -9.76 -11.72 12.94
N LEU D 204 -10.59 -11.75 13.98
CA LEU D 204 -11.99 -11.34 13.85
C LEU D 204 -12.14 -10.08 13.00
N GLY D 205 -12.30 -10.25 11.68
CA GLY D 205 -12.54 -9.10 10.83
C GLY D 205 -12.70 -9.42 9.35
N GLU D 206 -11.73 -10.14 8.80
CA GLU D 206 -11.76 -10.45 7.38
C GLU D 206 -12.88 -11.44 7.06
N MET D 207 -13.63 -11.81 8.10
CA MET D 207 -14.81 -12.66 7.95
C MET D 207 -16.03 -11.80 7.64
N ASN D 208 -16.58 -11.89 6.44
CA ASN D 208 -17.74 -11.05 6.15
C ASN D 208 -18.84 -11.20 7.20
N ALA D 209 -19.78 -10.26 7.21
CA ALA D 209 -20.86 -10.27 8.20
C ALA D 209 -21.66 -11.56 8.12
N ASP D 210 -21.92 -12.00 6.91
CA ASP D 210 -22.56 -13.29 6.63
C ASP D 210 -21.79 -14.47 7.24
N GLN D 211 -20.57 -14.70 6.77
CA GLN D 211 -19.72 -15.69 7.43
C GLN D 211 -19.80 -15.55 8.94
N LEU D 212 -19.88 -14.30 9.40
CA LEU D 212 -19.74 -13.98 10.82
C LEU D 212 -20.75 -14.73 11.67
N TRP D 213 -21.80 -15.23 11.04
CA TRP D 213 -22.84 -15.99 11.73
C TRP D 213 -22.40 -17.43 11.97
N GLU D 214 -21.20 -17.77 11.52
CA GLU D 214 -20.56 -19.04 11.85
C GLU D 214 -20.05 -19.04 13.29
N THR D 215 -19.67 -17.88 13.80
CA THR D 215 -19.48 -17.70 15.24
C THR D 215 -20.59 -16.85 15.84
N THR D 216 -21.44 -16.28 14.99
CA THR D 216 -22.47 -15.35 15.44
C THR D 216 -23.78 -16.07 15.76
N MET D 217 -24.47 -16.57 14.74
CA MET D 217 -25.91 -16.85 14.86
C MET D 217 -26.19 -18.27 15.37
N ASN D 218 -25.14 -19.05 15.60
CA ASN D 218 -25.26 -20.23 16.46
C ASN D 218 -24.39 -20.09 17.69
N PRO D 219 -24.97 -19.59 18.79
CA PRO D 219 -24.20 -19.24 20.00
C PRO D 219 -23.35 -20.43 20.46
N GLU D 220 -24.00 -21.55 20.76
CA GLU D 220 -23.31 -22.76 21.22
C GLU D 220 -22.49 -23.42 20.11
N THR D 221 -22.79 -23.07 18.86
CA THR D 221 -22.02 -23.58 17.73
C THR D 221 -20.52 -23.33 17.91
N ARG D 222 -20.16 -22.47 18.86
CA ARG D 222 -18.76 -22.18 19.11
C ARG D 222 -18.48 -22.08 20.61
N THR D 223 -19.09 -21.09 21.26
CA THR D 223 -18.55 -20.40 22.46
C THR D 223 -17.89 -21.35 23.46
N LEU D 224 -17.14 -20.76 24.40
CA LEU D 224 -16.50 -21.54 25.45
C LEU D 224 -16.77 -20.93 26.83
N ILE D 225 -17.45 -21.69 27.69
CA ILE D 225 -17.82 -21.21 29.02
C ILE D 225 -16.60 -21.20 29.96
N ARG D 226 -16.52 -20.19 30.83
CA ARG D 226 -15.24 -19.84 31.46
C ARG D 226 -15.28 -20.00 32.98
N VAL D 227 -14.10 -20.19 33.59
CA VAL D 227 -13.92 -19.94 35.02
C VAL D 227 -14.24 -21.18 35.88
N THR D 228 -14.91 -22.15 35.25
CA THR D 228 -15.46 -23.29 35.99
C THR D 228 -14.52 -23.78 37.10
N ILE D 229 -15.06 -23.87 38.31
CA ILE D 229 -14.32 -24.41 39.44
C ILE D 229 -12.92 -23.79 39.56
N GLU D 230 -12.82 -22.50 39.30
CA GLU D 230 -11.70 -21.69 39.77
C GLU D 230 -11.34 -22.12 41.20
N ASP D 231 -11.67 -21.26 42.16
CA ASP D 231 -11.21 -21.41 43.53
C ASP D 231 -10.10 -20.40 43.85
N LEU D 232 -9.25 -20.73 44.80
CA LEU D 232 -8.18 -19.83 45.20
C LEU D 232 -6.87 -20.32 44.62
N ALA D 233 -5.76 -19.98 45.28
CA ALA D 233 -4.43 -20.35 44.81
C ALA D 233 -4.28 -20.12 43.29
N ARG D 234 -5.36 -19.68 42.67
CA ARG D 234 -5.32 -19.25 41.28
C ARG D 234 -5.21 -17.73 41.21
N ALA D 235 -5.79 -17.01 42.17
CA ALA D 235 -5.50 -15.59 42.31
C ALA D 235 -4.00 -15.39 42.53
N GLU D 236 -3.32 -16.47 42.93
CA GLU D 236 -1.87 -16.46 43.05
C GLU D 236 -1.24 -16.22 41.68
N ARG D 237 -1.66 -16.99 40.70
CA ARG D 237 -1.03 -16.98 39.37
C ARG D 237 -1.42 -15.74 38.58
N ARG D 238 -2.66 -15.28 38.76
CA ARG D 238 -3.14 -14.11 38.04
C ARG D 238 -2.52 -12.83 38.56
N VAL D 239 -2.06 -12.82 39.80
CA VAL D 239 -1.21 -11.72 40.26
C VAL D 239 0.25 -11.94 39.83
N ASN D 240 0.55 -13.18 39.44
CA ASN D 240 1.87 -13.53 38.93
C ASN D 240 1.97 -13.26 37.44
N VAL D 241 1.11 -13.91 36.66
CA VAL D 241 1.16 -13.81 35.20
C VAL D 241 0.92 -12.37 34.75
N LEU D 242 -0.35 -12.07 34.49
CA LEU D 242 -0.73 -10.74 34.02
C LEU D 242 -0.83 -9.77 35.19
N MET D 243 -1.67 -8.75 35.01
CA MET D 243 -1.67 -7.58 35.89
C MET D 243 -0.35 -6.82 35.80
N GLY D 244 0.48 -7.02 36.82
CA GLY D 244 1.75 -6.32 36.96
C GLY D 244 2.50 -6.76 38.22
N ASP D 245 3.20 -7.89 38.12
CA ASP D 245 4.03 -8.36 39.21
C ASP D 245 5.20 -7.41 39.47
N LYS D 246 6.25 -7.94 40.09
CA LYS D 246 7.49 -7.18 40.28
C LYS D 246 8.51 -7.47 39.17
N VAL D 247 8.03 -7.98 38.03
CA VAL D 247 8.93 -8.39 36.96
C VAL D 247 9.50 -9.78 37.24
N GLU D 248 10.15 -9.92 38.39
CA GLU D 248 10.79 -11.18 38.79
C GLU D 248 9.91 -12.39 38.54
N PRO D 249 8.66 -12.34 39.05
CA PRO D 249 7.72 -13.46 38.90
C PRO D 249 7.44 -13.82 37.45
N ARG D 250 7.20 -12.81 36.62
CA ARG D 250 6.89 -13.01 35.21
C ARG D 250 8.08 -13.65 34.45
N ARG D 251 9.22 -12.99 34.46
CA ARG D 251 10.42 -13.63 33.95
C ARG D 251 10.44 -15.11 34.39
N LYS D 252 9.83 -15.38 35.55
CA LYS D 252 9.94 -16.69 36.15
C LYS D 252 8.91 -17.66 35.60
N TRP D 253 7.71 -17.19 35.29
CA TRP D 253 6.68 -18.10 34.79
C TRP D 253 7.03 -18.62 33.40
N ILE D 254 7.92 -17.90 32.69
CA ILE D 254 8.46 -18.40 31.43
C ILE D 254 9.68 -19.32 31.71
N GLU D 255 9.59 -20.09 32.79
CA GLU D 255 10.34 -21.35 32.93
C GLU D 255 9.52 -22.51 32.38
N ASP D 256 8.22 -22.28 32.17
CA ASP D 256 7.37 -23.27 31.52
C ASP D 256 6.94 -22.76 30.14
N ASN D 257 7.86 -22.13 29.43
CA ASN D 257 7.53 -21.39 28.22
C ASN D 257 8.40 -21.81 27.02
#